data_8AGN
#
_entry.id   8AGN
#
_cell.length_a   95.851
_cell.length_b   47.330
_cell.length_c   142.611
_cell.angle_alpha   90.000
_cell.angle_beta   91.707
_cell.angle_gamma   90.000
#
_symmetry.space_group_name_H-M   'P 1 21 1'
#
loop_
_entity.id
_entity.type
_entity.pdbx_description
1 polymer 'Alpha/beta epoxide hydrolase'
2 non-polymer (1R,6S)-7-oxabicyclo[4.1.0]heptane
3 non-polymer DI(HYDROXYETHYL)ETHER
4 non-polymer 1,2-ETHANEDIOL
5 water water
#
_entity_poly.entity_id   1
_entity_poly.type   'polypeptide(L)'
_entity_poly.pdbx_seq_one_letter_code
;MNEMLKHEYVKVNGIKMHYVTQGKGKLLLLLHGFPDFWYVWRFQIPALAKHFRVVAPDLRGYNETDKPEGVENYRLDLLA
KDILGLIKALGEEHAVVVGHDWGGIISWTLTAFNPQAVEKLVILNAPHPKAYMTRTKNSLRQLQKSWYVFFFQVANIPEK
ILSRNEFAFLKNMLIQSFVRRDLLTEEDLRIYVDAWSKSGALTSALNYYRANLNPDIIFSEKTVVFPKIKVPTLVIWGEK
DVAISKDLIVNMEDFIEAPYSIKYFPECGHWVQLEEPELVRKHIEEFILKSDIHHHHHH
;
_entity_poly.pdbx_strand_id   AAA,BBB,CCC,DDD
#
loop_
_chem_comp.id
_chem_comp.type
_chem_comp.name
_chem_comp.formula
7EX non-polymer (1R,6S)-7-oxabicyclo[4.1.0]heptane 'C6 H10 O'
EDO non-polymer 1,2-ETHANEDIOL 'C2 H6 O2'
PEG non-polymer DI(HYDROXYETHYL)ETHER 'C4 H10 O3'
#
# COMPACT_ATOMS: atom_id res chain seq x y z
N MET A 4 36.49 6.13 -40.88
CA MET A 4 35.63 7.31 -41.23
C MET A 4 34.16 6.87 -41.19
N LEU A 5 33.29 7.73 -40.64
CA LEU A 5 31.86 7.45 -40.52
C LEU A 5 31.22 7.49 -41.90
N LYS A 6 30.65 6.38 -42.38
CA LYS A 6 30.00 6.30 -43.69
C LYS A 6 28.48 6.15 -43.53
N HIS A 7 27.69 6.82 -44.40
CA HIS A 7 26.24 6.73 -44.50
C HIS A 7 25.87 5.76 -45.61
N GLU A 8 24.87 4.89 -45.40
CA GLU A 8 24.41 3.91 -46.40
C GLU A 8 22.91 3.67 -46.28
N TYR A 9 22.32 3.04 -47.30
CA TYR A 9 20.93 2.65 -47.40
C TYR A 9 20.88 1.20 -47.83
N VAL A 10 19.92 0.41 -47.31
CA VAL A 10 19.73 -0.97 -47.71
C VAL A 10 18.25 -1.32 -47.58
N LYS A 11 17.71 -2.13 -48.50
CA LYS A 11 16.36 -2.64 -48.49
C LYS A 11 16.29 -3.81 -47.51
N VAL A 12 15.30 -3.75 -46.60
CA VAL A 12 15.05 -4.75 -45.58
CA VAL A 12 15.05 -4.75 -45.57
C VAL A 12 13.53 -4.85 -45.43
N ASN A 13 12.98 -6.07 -45.49
CA ASN A 13 11.57 -6.25 -45.08
C ASN A 13 10.66 -5.22 -45.78
N GLY A 14 10.94 -4.95 -47.09
CA GLY A 14 10.14 -4.05 -47.91
C GLY A 14 10.34 -2.54 -47.69
N ILE A 15 11.21 -2.09 -46.77
CA ILE A 15 11.50 -0.66 -46.59
C ILE A 15 12.99 -0.44 -46.80
N LYS A 16 13.35 0.77 -47.21
CA LYS A 16 14.73 1.19 -47.30
C LYS A 16 15.13 1.84 -45.97
N MET A 17 16.24 1.38 -45.41
CA MET A 17 16.71 1.84 -44.11
CA MET A 17 16.72 1.83 -44.11
C MET A 17 18.09 2.50 -44.29
N HIS A 18 18.24 3.74 -43.80
CA HIS A 18 19.49 4.45 -43.68
C HIS A 18 20.21 3.99 -42.42
N TYR A 19 21.55 3.95 -42.48
CA TYR A 19 22.41 3.73 -41.31
C TYR A 19 23.76 4.42 -41.52
N VAL A 20 24.42 4.76 -40.40
CA VAL A 20 25.83 5.13 -40.35
C VAL A 20 26.62 3.92 -39.85
N THR A 21 27.87 3.78 -40.33
CA THR A 21 28.71 2.62 -40.03
C THR A 21 30.17 3.05 -39.97
N GLN A 22 30.93 2.37 -39.10
CA GLN A 22 32.35 2.60 -38.87
C GLN A 22 32.92 1.38 -38.20
N GLY A 23 34.14 0.96 -38.60
CA GLY A 23 34.84 -0.16 -38.01
C GLY A 23 34.57 -1.45 -38.78
N LYS A 24 35.32 -2.51 -38.42
CA LYS A 24 35.19 -3.87 -38.95
C LYS A 24 35.34 -4.83 -37.76
N GLY A 25 34.90 -6.08 -37.94
CA GLY A 25 34.79 -7.06 -36.87
C GLY A 25 33.39 -7.66 -36.82
N LYS A 26 32.98 -8.10 -35.60
CA LYS A 26 31.59 -8.50 -35.33
C LYS A 26 30.63 -7.32 -35.59
N LEU A 27 29.45 -7.64 -36.14
CA LEU A 27 28.37 -6.69 -36.30
C LEU A 27 27.85 -6.26 -34.92
N LEU A 28 27.91 -4.95 -34.63
CA LEU A 28 27.34 -4.37 -33.42
C LEU A 28 26.30 -3.32 -33.85
N LEU A 29 24.99 -3.62 -33.63
CA LEU A 29 23.89 -2.71 -33.89
C LEU A 29 23.67 -1.80 -32.69
N LEU A 30 23.54 -0.49 -32.94
CA LEU A 30 23.09 0.47 -31.96
C LEU A 30 21.73 1.01 -32.41
N LEU A 31 20.67 0.78 -31.59
CA LEU A 31 19.30 1.16 -31.94
C LEU A 31 18.78 2.28 -31.03
N HIS A 32 18.46 3.47 -31.60
CA HIS A 32 17.97 4.64 -30.89
C HIS A 32 16.48 4.48 -30.54
N GLY A 33 15.90 5.47 -29.82
CA GLY A 33 14.47 5.59 -29.60
C GLY A 33 13.93 6.99 -29.90
N PHE A 34 12.88 7.41 -29.19
CA PHE A 34 12.20 8.68 -29.42
C PHE A 34 12.78 9.74 -28.48
N PRO A 35 13.04 11.00 -28.92
CA PRO A 35 12.88 11.44 -30.32
C PRO A 35 14.26 11.58 -30.93
N ASP A 36 14.96 10.46 -31.08
CA ASP A 36 16.35 10.46 -31.53
C ASP A 36 16.44 9.93 -32.96
N PHE A 37 17.66 9.57 -33.38
CA PHE A 37 17.99 8.91 -34.63
C PHE A 37 19.42 8.40 -34.42
N TRP A 38 20.14 7.97 -35.46
CA TRP A 38 21.48 7.41 -35.28
C TRP A 38 22.33 8.34 -34.42
N TYR A 39 22.10 9.68 -34.51
CA TYR A 39 22.97 10.71 -33.96
C TYR A 39 23.09 10.63 -32.43
N VAL A 40 22.09 10.02 -31.77
CA VAL A 40 22.14 9.82 -30.31
C VAL A 40 23.38 8.99 -29.91
N TRP A 41 23.92 8.19 -30.86
CA TRP A 41 25.06 7.31 -30.61
C TRP A 41 26.42 7.95 -30.91
N ARG A 42 26.45 9.29 -31.14
CA ARG A 42 27.61 10.06 -31.61
C ARG A 42 28.85 9.82 -30.75
N PHE A 43 28.68 9.73 -29.43
CA PHE A 43 29.81 9.58 -28.49
C PHE A 43 30.24 8.12 -28.30
N GLN A 44 29.53 7.13 -28.85
CA GLN A 44 29.93 5.74 -28.71
C GLN A 44 30.47 5.15 -30.02
N ILE A 45 29.99 5.64 -31.18
CA ILE A 45 30.33 5.07 -32.47
C ILE A 45 31.86 5.02 -32.64
N PRO A 46 32.61 6.14 -32.54
CA PRO A 46 34.05 6.11 -32.79
C PRO A 46 34.81 5.13 -31.90
N ALA A 47 34.59 5.15 -30.57
CA ALA A 47 35.30 4.28 -29.65
C ALA A 47 35.01 2.79 -29.90
N LEU A 48 33.74 2.45 -30.12
CA LEU A 48 33.33 1.07 -30.37
C LEU A 48 33.84 0.56 -31.72
N ALA A 49 33.99 1.48 -32.68
CA ALA A 49 34.46 1.18 -34.04
C ALA A 49 35.93 0.70 -34.06
N LYS A 50 36.63 0.88 -32.93
CA LYS A 50 38.00 0.42 -32.77
C LYS A 50 38.04 -1.10 -32.67
N HIS A 51 36.91 -1.74 -32.37
CA HIS A 51 36.88 -3.18 -32.15
C HIS A 51 35.79 -3.89 -32.97
N PHE A 52 34.78 -3.16 -33.47
CA PHE A 52 33.62 -3.82 -34.07
C PHE A 52 33.16 -3.13 -35.34
N ARG A 53 32.35 -3.84 -36.14
CA ARG A 53 31.61 -3.24 -37.25
CA ARG A 53 31.62 -3.24 -37.24
C ARG A 53 30.33 -2.59 -36.68
N VAL A 54 30.45 -1.33 -36.23
CA VAL A 54 29.34 -0.58 -35.66
C VAL A 54 28.37 -0.15 -36.79
N VAL A 55 27.09 -0.51 -36.62
CA VAL A 55 26.00 -0.07 -37.49
C VAL A 55 24.92 0.58 -36.62
N ALA A 56 24.66 1.87 -36.85
CA ALA A 56 23.59 2.60 -36.16
C ALA A 56 22.54 3.02 -37.18
N PRO A 57 21.38 2.32 -37.29
CA PRO A 57 20.33 2.68 -38.23
C PRO A 57 19.35 3.71 -37.67
N ASP A 58 18.64 4.37 -38.58
CA ASP A 58 17.40 5.09 -38.32
C ASP A 58 16.28 4.06 -38.44
N LEU A 59 15.48 3.93 -37.35
CA LEU A 59 14.41 2.95 -37.32
C LEU A 59 13.36 3.39 -38.33
N ARG A 60 12.46 2.46 -38.71
CA ARG A 60 11.30 2.78 -39.52
C ARG A 60 10.67 4.10 -39.04
N GLY A 61 10.49 5.06 -39.95
CA GLY A 61 9.75 6.31 -39.73
C GLY A 61 10.63 7.48 -39.34
N TYR A 62 11.92 7.21 -39.06
CA TYR A 62 12.80 8.26 -38.54
C TYR A 62 13.80 8.69 -39.62
N ASN A 63 14.13 9.99 -39.60
CA ASN A 63 15.22 10.62 -40.33
C ASN A 63 15.22 10.18 -41.80
N GLU A 64 16.22 9.39 -42.21
CA GLU A 64 16.49 9.09 -43.62
C GLU A 64 15.90 7.75 -44.03
N THR A 65 15.30 6.98 -43.09
CA THR A 65 14.71 5.68 -43.36
C THR A 65 13.31 5.88 -43.94
N ASP A 66 12.76 4.88 -44.63
CA ASP A 66 11.41 4.95 -45.16
C ASP A 66 10.42 5.14 -44.02
N LYS A 67 9.27 5.73 -44.35
CA LYS A 67 8.22 6.14 -43.45
C LYS A 67 6.88 5.68 -43.99
N PRO A 68 6.56 4.38 -43.95
CA PRO A 68 5.24 3.93 -44.40
C PRO A 68 4.12 4.64 -43.63
N GLU A 69 2.96 4.87 -44.28
CA GLU A 69 1.83 5.58 -43.68
C GLU A 69 0.92 4.56 -43.02
N GLY A 70 0.30 4.98 -41.90
CA GLY A 70 -0.68 4.15 -41.19
C GLY A 70 -0.08 3.60 -39.90
N VAL A 71 -0.88 3.70 -38.81
CA VAL A 71 -0.50 3.27 -37.47
C VAL A 71 0.01 1.82 -37.48
N GLU A 72 -0.68 0.98 -38.26
CA GLU A 72 -0.48 -0.47 -38.20
C GLU A 72 0.89 -0.88 -38.71
N ASN A 73 1.55 0.01 -39.47
CA ASN A 73 2.91 -0.25 -39.97
C ASN A 73 4.01 -0.01 -38.91
N TYR A 74 3.60 0.28 -37.66
CA TYR A 74 4.53 0.60 -36.59
C TYR A 74 4.33 -0.36 -35.43
N ARG A 75 3.58 -1.46 -35.63
CA ARG A 75 3.50 -2.51 -34.62
CA ARG A 75 3.49 -2.51 -34.62
C ARG A 75 4.90 -3.05 -34.35
N LEU A 76 5.15 -3.44 -33.08
CA LEU A 76 6.45 -3.94 -32.63
C LEU A 76 6.93 -5.12 -33.47
N ASP A 77 6.04 -6.04 -33.85
CA ASP A 77 6.41 -7.24 -34.61
CA ASP A 77 6.45 -7.23 -34.58
C ASP A 77 7.10 -6.82 -35.92
N LEU A 78 6.54 -5.82 -36.62
CA LEU A 78 7.12 -5.30 -37.84
C LEU A 78 8.47 -4.61 -37.60
N LEU A 79 8.61 -3.91 -36.46
CA LEU A 79 9.85 -3.19 -36.18
C LEU A 79 11.00 -4.15 -35.88
N ALA A 80 10.71 -5.22 -35.14
CA ALA A 80 11.70 -6.26 -34.84
C ALA A 80 12.11 -6.97 -36.15
N LYS A 81 11.14 -7.24 -37.04
CA LYS A 81 11.43 -7.89 -38.32
C LYS A 81 12.34 -7.01 -39.18
N ASP A 82 12.23 -5.66 -39.07
CA ASP A 82 13.12 -4.74 -39.74
C ASP A 82 14.56 -5.02 -39.32
N ILE A 83 14.80 -5.25 -38.02
CA ILE A 83 16.16 -5.43 -37.51
C ILE A 83 16.69 -6.82 -37.90
N LEU A 84 15.83 -7.86 -37.82
CA LEU A 84 16.17 -9.20 -38.30
C LEU A 84 16.60 -9.13 -39.77
N GLY A 85 15.79 -8.45 -40.59
CA GLY A 85 16.09 -8.24 -41.99
C GLY A 85 17.40 -7.47 -42.20
N LEU A 86 17.71 -6.49 -41.32
CA LEU A 86 18.91 -5.67 -41.43
C LEU A 86 20.15 -6.53 -41.18
N ILE A 87 20.08 -7.45 -40.20
CA ILE A 87 21.19 -8.31 -39.88
C ILE A 87 21.54 -9.13 -41.12
N LYS A 88 20.52 -9.73 -41.75
CA LYS A 88 20.60 -10.55 -42.95
C LYS A 88 21.20 -9.72 -44.10
N ALA A 89 20.61 -8.54 -44.38
CA ALA A 89 21.00 -7.69 -45.50
C ALA A 89 22.43 -7.16 -45.37
N LEU A 90 22.99 -7.15 -44.15
CA LEU A 90 24.39 -6.79 -43.92
C LEU A 90 25.32 -8.01 -44.09
N GLY A 91 24.77 -9.16 -44.52
CA GLY A 91 25.48 -10.41 -44.75
C GLY A 91 25.95 -11.13 -43.49
N GLU A 92 25.16 -11.03 -42.39
CA GLU A 92 25.53 -11.65 -41.14
C GLU A 92 24.42 -12.59 -40.68
N GLU A 93 24.72 -13.53 -39.77
CA GLU A 93 23.73 -14.43 -39.18
C GLU A 93 23.20 -13.86 -37.86
N HIS A 94 24.06 -13.17 -37.11
CA HIS A 94 23.74 -12.64 -35.79
C HIS A 94 24.47 -11.31 -35.61
N ALA A 95 24.12 -10.58 -34.53
CA ALA A 95 24.78 -9.32 -34.18
C ALA A 95 24.74 -9.18 -32.66
N VAL A 96 25.69 -8.41 -32.11
CA VAL A 96 25.49 -7.81 -30.80
C VAL A 96 24.48 -6.67 -30.97
N VAL A 97 23.41 -6.65 -30.18
CA VAL A 97 22.35 -5.64 -30.30
C VAL A 97 22.31 -4.81 -29.02
N VAL A 98 22.53 -3.49 -29.18
CA VAL A 98 22.37 -2.48 -28.14
C VAL A 98 21.18 -1.59 -28.48
N GLY A 99 20.22 -1.47 -27.55
CA GLY A 99 18.98 -0.74 -27.78
C GLY A 99 18.68 0.21 -26.63
N HIS A 100 18.43 1.48 -26.96
CA HIS A 100 17.94 2.49 -26.03
C HIS A 100 16.46 2.75 -26.29
N ASP A 101 15.61 2.86 -25.25
CA ASP A 101 14.25 3.42 -25.41
C ASP A 101 13.47 2.49 -26.35
N TRP A 102 12.79 3.00 -27.39
CA TRP A 102 12.09 2.13 -28.35
C TRP A 102 13.05 1.10 -28.95
N GLY A 103 14.30 1.50 -29.20
CA GLY A 103 15.31 0.59 -29.74
C GLY A 103 15.58 -0.58 -28.79
N GLY A 104 15.53 -0.30 -27.47
CA GLY A 104 15.58 -1.34 -26.44
C GLY A 104 14.34 -2.26 -26.50
N ILE A 105 13.14 -1.70 -26.62
CA ILE A 105 11.91 -2.50 -26.66
C ILE A 105 11.98 -3.46 -27.86
N ILE A 106 12.37 -2.93 -29.04
CA ILE A 106 12.59 -3.72 -30.25
C ILE A 106 13.64 -4.80 -29.95
N SER A 107 14.78 -4.41 -29.35
CA SER A 107 15.86 -5.33 -29.01
C SER A 107 15.38 -6.48 -28.13
N TRP A 108 14.61 -6.18 -27.08
CA TRP A 108 14.07 -7.24 -26.22
C TRP A 108 13.23 -8.19 -27.09
N THR A 109 12.43 -7.65 -28.03
CA THR A 109 11.49 -8.43 -28.83
C THR A 109 12.26 -9.35 -29.81
N LEU A 110 13.27 -8.79 -30.49
CA LEU A 110 14.13 -9.52 -31.42
C LEU A 110 14.81 -10.68 -30.68
N THR A 111 15.41 -10.39 -29.53
CA THR A 111 16.12 -11.37 -28.73
C THR A 111 15.20 -12.51 -28.26
N ALA A 112 14.00 -12.17 -27.80
CA ALA A 112 13.05 -13.13 -27.27
C ALA A 112 12.56 -14.09 -28.36
N PHE A 113 12.18 -13.55 -29.52
CA PHE A 113 11.53 -14.32 -30.56
C PHE A 113 12.52 -14.86 -31.59
N ASN A 114 13.77 -14.34 -31.63
CA ASN A 114 14.78 -14.73 -32.61
C ASN A 114 16.15 -14.80 -31.95
N PRO A 115 16.34 -15.63 -30.90
CA PRO A 115 17.60 -15.62 -30.14
C PRO A 115 18.82 -15.98 -30.98
N GLN A 116 18.62 -16.78 -32.03
CA GLN A 116 19.70 -17.20 -32.92
C GLN A 116 20.32 -16.00 -33.63
N ALA A 117 19.56 -14.90 -33.78
CA ALA A 117 19.99 -13.69 -34.49
C ALA A 117 20.75 -12.71 -33.60
N VAL A 118 20.85 -13.01 -32.28
CA VAL A 118 21.43 -12.05 -31.33
C VAL A 118 22.49 -12.75 -30.51
N GLU A 119 23.73 -12.28 -30.61
CA GLU A 119 24.86 -12.89 -29.93
C GLU A 119 24.85 -12.48 -28.44
N LYS A 120 24.77 -11.18 -28.17
CA LYS A 120 24.57 -10.62 -26.85
C LYS A 120 23.61 -9.42 -26.97
N LEU A 121 22.87 -9.14 -25.89
CA LEU A 121 21.88 -8.06 -25.81
C LEU A 121 22.38 -7.02 -24.79
N VAL A 122 22.36 -5.74 -25.17
CA VAL A 122 22.51 -4.62 -24.26
C VAL A 122 21.28 -3.73 -24.33
N ILE A 123 20.70 -3.42 -23.15
CA ILE A 123 19.53 -2.56 -22.99
C ILE A 123 19.95 -1.32 -22.21
N LEU A 124 19.66 -0.11 -22.74
CA LEU A 124 19.74 1.13 -21.97
C LEU A 124 18.34 1.68 -21.78
N ASN A 125 17.89 1.78 -20.52
CA ASN A 125 16.67 2.52 -20.16
C ASN A 125 15.50 2.18 -21.10
N ALA A 126 15.19 0.89 -21.21
CA ALA A 126 14.04 0.40 -21.97
C ALA A 126 13.40 -0.72 -21.16
N PRO A 127 12.11 -0.59 -20.79
CA PRO A 127 11.48 -1.64 -19.98
C PRO A 127 11.26 -2.85 -20.90
N HIS A 128 11.38 -4.06 -20.31
CA HIS A 128 10.96 -5.29 -20.97
C HIS A 128 9.49 -5.16 -21.34
N PRO A 129 9.07 -5.47 -22.60
CA PRO A 129 7.67 -5.30 -23.00
C PRO A 129 6.63 -5.95 -22.08
N LYS A 130 6.93 -7.15 -21.53
CA LYS A 130 5.99 -7.86 -20.66
C LYS A 130 5.89 -7.14 -19.31
N ALA A 131 7.04 -6.67 -18.79
CA ALA A 131 7.06 -5.83 -17.60
C ALA A 131 6.16 -4.59 -17.79
N TYR A 132 6.30 -3.87 -18.93
CA TYR A 132 5.52 -2.69 -19.22
C TYR A 132 4.04 -3.05 -19.24
N MET A 133 3.68 -4.07 -20.05
CA MET A 133 2.28 -4.45 -20.26
CA MET A 133 2.28 -4.45 -20.26
C MET A 133 1.64 -4.94 -18.95
N THR A 134 2.38 -5.64 -18.10
CA THR A 134 1.86 -6.17 -16.84
C THR A 134 1.73 -5.06 -15.80
N ARG A 135 2.79 -4.25 -15.61
CA ARG A 135 2.93 -3.47 -14.40
C ARG A 135 2.28 -2.09 -14.53
N THR A 136 2.25 -1.50 -15.74
CA THR A 136 1.92 -0.08 -15.95
C THR A 136 0.55 0.27 -15.36
N LYS A 137 -0.48 -0.51 -15.74
CA LYS A 137 -1.83 -0.30 -15.25
C LYS A 137 -1.97 -0.41 -13.73
N ASN A 138 -0.99 -1.02 -13.04
CA ASN A 138 -0.97 -1.18 -11.59
C ASN A 138 -0.04 -0.18 -10.93
N SER A 139 0.56 0.74 -11.68
CA SER A 139 1.52 1.69 -11.14
C SER A 139 1.01 3.12 -11.41
N LEU A 140 0.47 3.79 -10.37
CA LEU A 140 0.07 5.18 -10.50
C LEU A 140 1.25 6.01 -11.02
N ARG A 141 2.43 5.77 -10.45
CA ARG A 141 3.66 6.46 -10.79
C ARG A 141 3.97 6.31 -12.29
N GLN A 142 3.85 5.09 -12.83
CA GLN A 142 4.12 4.91 -14.24
C GLN A 142 3.06 5.59 -15.12
N LEU A 143 1.77 5.47 -14.75
CA LEU A 143 0.71 6.06 -15.54
C LEU A 143 0.89 7.58 -15.62
N GLN A 144 1.31 8.17 -14.48
CA GLN A 144 1.55 9.59 -14.37
C GLN A 144 2.72 10.00 -15.27
N LYS A 145 3.81 9.20 -15.25
CA LYS A 145 4.99 9.46 -16.07
C LYS A 145 4.66 9.29 -17.56
N SER A 146 3.65 8.47 -17.84
CA SER A 146 3.22 8.15 -19.19
C SER A 146 2.09 9.07 -19.65
N TRP A 147 1.91 10.24 -19.01
CA TRP A 147 0.89 11.20 -19.47
C TRP A 147 1.02 11.42 -20.98
N TYR A 148 2.26 11.58 -21.47
CA TYR A 148 2.51 11.98 -22.86
C TYR A 148 2.15 10.82 -23.80
N VAL A 149 2.24 9.55 -23.33
CA VAL A 149 1.83 8.40 -24.13
C VAL A 149 0.34 8.50 -24.47
N PHE A 150 -0.50 8.93 -23.51
CA PHE A 150 -1.93 9.15 -23.74
C PHE A 150 -2.16 10.38 -24.64
N PHE A 151 -1.40 11.45 -24.41
CA PHE A 151 -1.43 12.64 -25.24
C PHE A 151 -1.25 12.22 -26.71
N PHE A 152 -0.21 11.38 -26.97
CA PHE A 152 0.20 10.99 -28.33
C PHE A 152 -0.86 10.19 -29.07
N GLN A 153 -1.86 9.62 -28.38
CA GLN A 153 -2.90 8.80 -29.00
C GLN A 153 -3.78 9.64 -29.94
N VAL A 154 -3.99 10.92 -29.65
CA VAL A 154 -4.92 11.76 -30.40
C VAL A 154 -4.29 12.09 -31.76
N ALA A 155 -5.08 12.08 -32.84
CA ALA A 155 -4.58 12.39 -34.18
C ALA A 155 -4.29 13.88 -34.34
N ASN A 156 -3.22 14.21 -35.06
CA ASN A 156 -2.88 15.54 -35.57
C ASN A 156 -2.47 16.54 -34.52
N ILE A 157 -3.23 16.63 -33.40
CA ILE A 157 -3.00 17.70 -32.44
C ILE A 157 -1.60 17.57 -31.85
N PRO A 158 -1.11 16.37 -31.46
CA PRO A 158 0.24 16.24 -30.92
C PRO A 158 1.34 16.61 -31.90
N GLU A 159 1.21 16.17 -33.18
CA GLU A 159 2.10 16.67 -34.24
C GLU A 159 2.16 18.19 -34.23
N LYS A 160 1.00 18.85 -34.27
CA LYS A 160 0.95 20.30 -34.32
C LYS A 160 1.67 20.90 -33.12
N ILE A 161 1.34 20.44 -31.90
CA ILE A 161 1.87 21.06 -30.68
C ILE A 161 3.37 20.82 -30.57
N LEU A 162 3.83 19.60 -30.87
CA LEU A 162 5.25 19.25 -30.78
C LEU A 162 6.10 20.01 -31.81
N SER A 163 5.59 20.24 -33.06
CA SER A 163 6.41 20.80 -34.14
C SER A 163 6.38 22.34 -34.19
N ARG A 164 5.29 22.99 -33.75
CA ARG A 164 5.15 24.43 -33.91
C ARG A 164 6.30 25.14 -33.18
N ASN A 165 6.65 26.36 -33.64
CA ASN A 165 7.71 27.17 -33.05
C ASN A 165 9.02 26.41 -33.08
N GLU A 166 9.33 25.76 -34.21
CA GLU A 166 10.60 25.06 -34.38
C GLU A 166 10.78 23.97 -33.30
N PHE A 167 9.70 23.22 -33.02
CA PHE A 167 9.73 22.05 -32.15
C PHE A 167 10.08 22.47 -30.72
N ALA A 168 9.57 23.63 -30.28
CA ALA A 168 9.96 24.16 -28.97
C ALA A 168 9.48 23.21 -27.87
N PHE A 169 8.26 22.68 -28.04
CA PHE A 169 7.67 21.81 -27.03
C PHE A 169 8.52 20.54 -26.87
N LEU A 170 8.91 19.93 -27.99
CA LEU A 170 9.73 18.72 -28.02
C LEU A 170 11.12 18.98 -27.43
N LYS A 171 11.79 20.08 -27.81
CA LYS A 171 13.06 20.48 -27.21
C LYS A 171 12.92 20.57 -25.68
N ASN A 172 11.83 21.19 -25.19
CA ASN A 172 11.54 21.32 -23.77
C ASN A 172 11.40 19.94 -23.10
N MET A 173 10.55 19.06 -23.65
CA MET A 173 10.36 17.69 -23.17
C MET A 173 11.71 16.98 -23.00
N LEU A 174 12.57 17.12 -24.03
CA LEU A 174 13.88 16.50 -24.08
C LEU A 174 14.78 17.09 -22.99
N ILE A 175 14.93 18.41 -22.96
CA ILE A 175 15.85 19.11 -22.05
C ILE A 175 15.42 18.91 -20.59
N GLN A 176 14.11 18.92 -20.28
CA GLN A 176 13.55 18.56 -18.98
C GLN A 176 14.02 17.17 -18.49
N SER A 177 14.33 16.25 -19.41
CA SER A 177 14.63 14.86 -19.12
C SER A 177 16.10 14.63 -18.77
N PHE A 178 16.97 15.58 -19.13
CA PHE A 178 18.42 15.45 -18.87
C PHE A 178 18.68 15.81 -17.41
N VAL A 179 19.64 15.12 -16.75
CA VAL A 179 20.02 15.43 -15.38
C VAL A 179 20.98 16.62 -15.29
N ARG A 180 21.76 16.89 -16.35
CA ARG A 180 22.50 18.15 -16.46
CA ARG A 180 22.50 18.15 -16.47
C ARG A 180 21.88 18.94 -17.61
N ARG A 181 21.66 20.24 -17.38
CA ARG A 181 21.09 21.04 -18.45
CA ARG A 181 21.11 21.12 -18.37
C ARG A 181 22.25 21.55 -19.31
N ASP A 182 21.90 22.15 -20.46
CA ASP A 182 22.91 22.60 -21.41
C ASP A 182 23.72 21.38 -21.88
N LEU A 183 23.07 20.21 -22.02
CA LEU A 183 23.67 18.96 -22.55
C LEU A 183 23.79 19.05 -24.08
N LEU A 184 22.80 19.65 -24.76
CA LEU A 184 22.76 19.82 -26.21
C LEU A 184 23.19 21.24 -26.58
N THR A 185 24.17 21.34 -27.50
CA THR A 185 24.62 22.60 -28.08
C THR A 185 23.53 23.14 -29.02
N GLU A 186 23.60 24.45 -29.36
CA GLU A 186 22.69 25.07 -30.32
C GLU A 186 22.75 24.31 -31.65
N GLU A 187 23.95 23.81 -31.97
CA GLU A 187 24.20 23.07 -33.20
C GLU A 187 23.43 21.74 -33.14
N ASP A 188 23.61 21.00 -32.03
CA ASP A 188 22.91 19.75 -31.75
C ASP A 188 21.42 19.91 -32.03
N LEU A 189 20.80 20.95 -31.46
CA LEU A 189 19.35 21.15 -31.52
C LEU A 189 18.90 21.41 -32.97
N ARG A 190 19.81 22.01 -33.75
CA ARG A 190 19.52 22.26 -35.16
C ARG A 190 19.59 20.96 -35.96
N ILE A 191 20.54 20.07 -35.61
CA ILE A 191 20.68 18.74 -36.22
C ILE A 191 19.45 17.88 -35.89
N TYR A 192 19.00 17.89 -34.61
CA TYR A 192 17.80 17.19 -34.21
C TYR A 192 16.59 17.73 -34.99
N VAL A 193 16.44 19.06 -35.14
CA VAL A 193 15.29 19.65 -35.83
C VAL A 193 15.26 19.22 -37.28
N ASP A 194 16.42 19.07 -37.93
CA ASP A 194 16.46 18.61 -39.32
C ASP A 194 15.85 17.21 -39.43
N ALA A 195 16.26 16.31 -38.54
CA ALA A 195 15.77 14.93 -38.45
C ALA A 195 14.27 14.89 -38.14
N TRP A 196 13.82 15.74 -37.20
CA TRP A 196 12.42 15.83 -36.80
C TRP A 196 11.54 16.33 -37.95
N SER A 197 12.11 17.19 -38.80
CA SER A 197 11.40 17.94 -39.83
C SER A 197 11.21 17.12 -41.11
N LYS A 198 11.90 15.97 -41.22
CA LYS A 198 11.78 15.13 -42.39
C LYS A 198 10.29 14.80 -42.60
N SER A 199 9.85 14.85 -43.84
CA SER A 199 8.43 14.78 -44.14
C SER A 199 7.90 13.43 -43.67
N GLY A 200 6.87 13.46 -42.81
CA GLY A 200 6.22 12.27 -42.25
C GLY A 200 6.90 11.73 -40.97
N ALA A 201 8.04 12.27 -40.53
CA ALA A 201 8.84 11.68 -39.47
C ALA A 201 8.13 11.73 -38.12
N LEU A 202 7.54 12.89 -37.77
CA LEU A 202 6.94 13.09 -36.47
C LEU A 202 5.70 12.19 -36.34
N THR A 203 4.85 12.13 -37.39
CA THR A 203 3.69 11.25 -37.33
C THR A 203 4.13 9.80 -37.14
N SER A 204 5.17 9.40 -37.88
CA SER A 204 5.68 8.04 -37.90
C SER A 204 6.19 7.66 -36.49
N ALA A 205 7.00 8.55 -35.87
CA ALA A 205 7.52 8.37 -34.52
C ALA A 205 6.36 8.19 -33.51
N LEU A 206 5.33 9.04 -33.59
CA LEU A 206 4.17 9.00 -32.68
C LEU A 206 3.33 7.74 -32.93
N ASN A 207 3.32 7.22 -34.17
CA ASN A 207 2.65 5.95 -34.47
C ASN A 207 3.19 4.78 -33.62
N TYR A 208 4.43 4.84 -33.13
CA TYR A 208 4.95 3.77 -32.26
C TYR A 208 4.05 3.65 -31.01
N TYR A 209 3.59 4.80 -30.47
CA TYR A 209 2.79 4.86 -29.26
C TYR A 209 1.34 4.47 -29.57
N ARG A 210 0.87 4.85 -30.76
CA ARG A 210 -0.50 4.61 -31.20
C ARG A 210 -0.66 3.13 -31.50
N ALA A 211 0.38 2.49 -32.08
CA ALA A 211 0.35 1.07 -32.40
C ALA A 211 0.57 0.20 -31.17
N ASN A 212 1.49 0.58 -30.28
CA ASN A 212 1.98 -0.38 -29.28
C ASN A 212 1.61 -0.04 -27.84
N LEU A 213 1.11 1.18 -27.57
CA LEU A 213 0.89 1.64 -26.19
C LEU A 213 -0.40 2.42 -26.11
N ASN A 214 -1.37 2.12 -27.00
CA ASN A 214 -2.72 2.66 -26.90
C ASN A 214 -3.38 2.14 -25.61
N PRO A 215 -4.51 2.73 -25.15
CA PRO A 215 -5.08 2.32 -23.87
C PRO A 215 -5.62 0.88 -23.84
N ASP A 216 -6.08 0.35 -25.01
CA ASP A 216 -6.47 -1.06 -25.14
C ASP A 216 -5.36 -2.00 -24.72
N ILE A 217 -4.12 -1.74 -25.16
CA ILE A 217 -2.97 -2.57 -24.83
C ILE A 217 -2.57 -2.38 -23.36
N ILE A 218 -2.50 -1.12 -22.92
CA ILE A 218 -2.07 -0.83 -21.55
C ILE A 218 -3.04 -1.46 -20.53
N PHE A 219 -4.36 -1.37 -20.81
CA PHE A 219 -5.37 -1.85 -19.85
C PHE A 219 -5.96 -3.21 -20.28
N SER A 220 -5.30 -3.93 -21.20
CA SER A 220 -5.62 -5.31 -21.55
C SER A 220 -5.70 -6.16 -20.28
N GLU A 221 -6.71 -7.02 -20.22
CA GLU A 221 -6.80 -8.01 -19.17
C GLU A 221 -6.04 -9.26 -19.61
N LYS A 222 -5.82 -9.46 -20.93
CA LYS A 222 -5.23 -10.69 -21.45
CA LYS A 222 -5.23 -10.69 -21.43
C LYS A 222 -3.75 -10.71 -21.06
N THR A 223 -3.26 -11.90 -20.73
CA THR A 223 -1.85 -12.08 -20.40
C THR A 223 -1.01 -12.10 -21.68
N VAL A 224 0.22 -11.58 -21.60
CA VAL A 224 1.08 -11.42 -22.76
C VAL A 224 2.08 -12.57 -22.79
N VAL A 225 2.15 -13.30 -23.92
CA VAL A 225 3.11 -14.41 -24.04
C VAL A 225 4.40 -13.85 -24.65
N PHE A 226 5.51 -14.09 -23.94
CA PHE A 226 6.79 -13.51 -24.32
C PHE A 226 7.90 -14.48 -23.90
N PRO A 227 8.61 -15.14 -24.85
CA PRO A 227 9.63 -16.12 -24.47
C PRO A 227 10.70 -15.48 -23.60
N LYS A 228 11.30 -16.27 -22.71
CA LYS A 228 12.43 -15.81 -21.89
C LYS A 228 13.61 -15.53 -22.82
N ILE A 229 14.47 -14.61 -22.36
CA ILE A 229 15.71 -14.22 -23.02
C ILE A 229 16.73 -15.34 -22.76
N LYS A 230 17.31 -15.89 -23.83
CA LYS A 230 18.22 -17.04 -23.73
C LYS A 230 19.63 -16.67 -24.19
N VAL A 231 19.94 -15.37 -24.25
CA VAL A 231 21.24 -14.88 -24.63
C VAL A 231 21.77 -13.98 -23.51
N PRO A 232 23.09 -13.93 -23.28
CA PRO A 232 23.66 -13.07 -22.24
C PRO A 232 23.21 -11.62 -22.44
N THR A 233 22.77 -10.96 -21.35
CA THR A 233 22.10 -9.65 -21.37
C THR A 233 22.75 -8.69 -20.37
N LEU A 234 23.05 -7.45 -20.81
CA LEU A 234 23.45 -6.34 -19.94
C LEU A 234 22.40 -5.23 -20.02
N VAL A 235 21.90 -4.80 -18.85
CA VAL A 235 21.02 -3.65 -18.72
C VAL A 235 21.82 -2.54 -18.09
N ILE A 236 21.93 -1.39 -18.78
CA ILE A 236 22.42 -0.12 -18.26
C ILE A 236 21.22 0.76 -17.94
N TRP A 237 21.19 1.41 -16.75
CA TRP A 237 19.99 2.07 -16.24
C TRP A 237 20.29 3.35 -15.46
N GLY A 238 20.06 4.53 -16.08
CA GLY A 238 20.01 5.82 -15.39
C GLY A 238 18.77 5.89 -14.52
N GLU A 239 18.95 6.03 -13.19
CA GLU A 239 17.86 5.88 -12.24
C GLU A 239 16.91 7.09 -12.24
N LYS A 240 17.35 8.27 -12.69
CA LYS A 240 16.51 9.48 -12.63
C LYS A 240 15.69 9.64 -13.91
N ASP A 241 14.98 8.56 -14.29
CA ASP A 241 14.29 8.49 -15.55
C ASP A 241 12.90 9.10 -15.41
N VAL A 242 12.60 10.16 -16.18
CA VAL A 242 11.31 10.85 -16.07
C VAL A 242 10.22 10.05 -16.79
N ALA A 243 10.62 9.12 -17.66
CA ALA A 243 9.73 8.36 -18.52
C ALA A 243 9.36 7.01 -17.89
N ILE A 244 10.26 6.44 -17.06
CA ILE A 244 10.11 5.04 -16.59
C ILE A 244 10.35 4.94 -15.09
N SER A 245 9.34 4.39 -14.37
CA SER A 245 9.41 4.09 -12.94
C SER A 245 10.28 2.84 -12.70
N LYS A 246 11.00 2.83 -11.57
CA LYS A 246 11.80 1.69 -11.11
C LYS A 246 10.91 0.44 -10.91
N ASP A 247 9.61 0.66 -10.70
CA ASP A 247 8.60 -0.38 -10.61
C ASP A 247 8.70 -1.32 -11.81
N LEU A 248 9.18 -0.81 -12.95
CA LEU A 248 9.16 -1.55 -14.21
C LEU A 248 10.45 -2.35 -14.41
N ILE A 249 11.50 -2.13 -13.60
CA ILE A 249 12.79 -2.77 -13.83
C ILE A 249 13.17 -3.77 -12.73
N VAL A 250 12.44 -3.78 -11.61
CA VAL A 250 12.70 -4.76 -10.54
C VAL A 250 12.33 -6.18 -10.99
N ASN A 251 13.09 -7.18 -10.53
CA ASN A 251 13.02 -8.55 -11.02
C ASN A 251 13.07 -8.74 -12.53
N MET A 252 14.08 -8.19 -13.23
CA MET A 252 14.25 -8.50 -14.66
CA MET A 252 14.28 -8.49 -14.65
C MET A 252 14.78 -9.93 -14.85
N GLU A 253 15.38 -10.49 -13.78
CA GLU A 253 15.89 -11.86 -13.75
C GLU A 253 14.74 -12.79 -14.13
N ASP A 254 13.50 -12.53 -13.76
CA ASP A 254 12.38 -13.41 -14.05
C ASP A 254 12.12 -13.51 -15.56
N PHE A 255 12.74 -12.61 -16.37
CA PHE A 255 12.57 -12.60 -17.82
C PHE A 255 13.78 -13.14 -18.59
N ILE A 256 14.87 -13.44 -17.89
CA ILE A 256 16.15 -13.85 -18.45
C ILE A 256 16.57 -15.24 -17.92
N GLU A 257 16.59 -16.24 -18.80
CA GLU A 257 17.10 -17.59 -18.54
CA GLU A 257 17.10 -17.59 -18.54
C GLU A 257 18.49 -17.73 -19.17
N ALA A 258 19.39 -16.79 -18.90
CA ALA A 258 20.73 -16.71 -19.48
C ALA A 258 21.51 -15.82 -18.51
N PRO A 259 22.86 -15.72 -18.62
CA PRO A 259 23.62 -14.75 -17.81
C PRO A 259 23.06 -13.33 -17.97
N TYR A 260 23.00 -12.58 -16.87
CA TYR A 260 22.31 -11.30 -16.81
C TYR A 260 23.12 -10.38 -15.91
N SER A 261 23.27 -9.08 -16.20
CA SER A 261 23.71 -8.15 -15.16
C SER A 261 23.15 -6.74 -15.42
N ILE A 262 22.91 -5.96 -14.36
CA ILE A 262 22.34 -4.62 -14.44
C ILE A 262 23.33 -3.65 -13.80
N LYS A 263 23.80 -2.65 -14.56
CA LYS A 263 24.63 -1.57 -14.07
C LYS A 263 23.76 -0.32 -13.90
N TYR A 264 23.52 0.10 -12.65
CA TYR A 264 22.75 1.27 -12.27
C TYR A 264 23.63 2.53 -12.30
N PHE A 265 23.12 3.61 -12.92
CA PHE A 265 23.76 4.92 -12.90
C PHE A 265 22.88 5.90 -12.12
N PRO A 266 23.09 6.01 -10.78
CA PRO A 266 22.13 6.71 -9.92
C PRO A 266 22.02 8.22 -10.20
N GLU A 267 23.02 8.79 -10.90
CA GLU A 267 23.12 10.22 -11.16
C GLU A 267 22.76 10.60 -12.60
N CYS A 268 22.32 9.58 -13.37
CA CYS A 268 21.89 9.74 -14.75
C CYS A 268 20.39 9.48 -14.85
N GLY A 269 19.82 9.98 -15.96
CA GLY A 269 18.43 9.80 -16.32
C GLY A 269 18.31 8.94 -17.57
N HIS A 270 17.22 9.19 -18.32
CA HIS A 270 16.82 8.36 -19.45
C HIS A 270 17.95 8.27 -20.48
N TRP A 271 18.64 9.38 -20.75
CA TRP A 271 19.67 9.48 -21.77
C TRP A 271 21.07 9.24 -21.18
N VAL A 272 21.20 8.07 -20.52
CA VAL A 272 22.41 7.64 -19.85
C VAL A 272 23.62 7.68 -20.80
N GLN A 273 23.45 7.37 -22.10
CA GLN A 273 24.56 7.27 -23.05
C GLN A 273 25.11 8.66 -23.42
N LEU A 274 24.31 9.72 -23.16
CA LEU A 274 24.74 11.10 -23.35
C LEU A 274 25.36 11.67 -22.08
N GLU A 275 24.96 11.19 -20.88
CA GLU A 275 25.30 11.82 -19.62
C GLU A 275 26.63 11.28 -19.09
N GLU A 276 26.85 9.97 -19.24
CA GLU A 276 28.10 9.29 -18.94
C GLU A 276 28.56 8.51 -20.17
N PRO A 277 28.87 9.20 -21.27
CA PRO A 277 29.22 8.52 -22.53
C PRO A 277 30.38 7.55 -22.47
N GLU A 278 31.39 7.85 -21.64
CA GLU A 278 32.61 7.06 -21.60
CA GLU A 278 32.61 7.05 -21.61
C GLU A 278 32.38 5.79 -20.79
N LEU A 279 31.70 5.93 -19.64
CA LEU A 279 31.41 4.80 -18.77
C LEU A 279 30.50 3.77 -19.48
N VAL A 280 29.49 4.29 -20.21
CA VAL A 280 28.57 3.46 -20.97
C VAL A 280 29.35 2.67 -22.04
N ARG A 281 30.21 3.39 -22.78
CA ARG A 281 31.02 2.77 -23.82
C ARG A 281 31.85 1.63 -23.23
N LYS A 282 32.48 1.90 -22.06
CA LYS A 282 33.31 0.92 -21.36
C LYS A 282 32.51 -0.34 -20.99
N HIS A 283 31.37 -0.16 -20.29
CA HIS A 283 30.53 -1.27 -19.86
C HIS A 283 30.09 -2.14 -21.04
N ILE A 284 29.84 -1.51 -22.19
CA ILE A 284 29.42 -2.22 -23.40
C ILE A 284 30.56 -3.05 -23.98
N GLU A 285 31.73 -2.42 -24.16
CA GLU A 285 32.93 -3.10 -24.66
C GLU A 285 33.29 -4.33 -23.82
N GLU A 286 33.48 -4.11 -22.50
CA GLU A 286 33.80 -5.19 -21.58
C GLU A 286 32.83 -6.35 -21.76
N PHE A 287 31.54 -6.04 -21.64
CA PHE A 287 30.53 -7.08 -21.73
C PHE A 287 30.78 -7.95 -22.96
N ILE A 288 31.05 -7.32 -24.10
CA ILE A 288 31.18 -8.04 -25.36
C ILE A 288 32.50 -8.82 -25.39
N LEU A 289 33.63 -8.09 -25.32
CA LEU A 289 34.97 -8.64 -25.47
C LEU A 289 35.26 -9.74 -24.43
N LYS A 290 34.52 -9.80 -23.31
CA LYS A 290 34.71 -10.76 -22.22
C LYS A 290 34.90 -12.22 -22.69
N GLU B 3 -37.79 18.94 8.56
CA GLU B 3 -37.50 18.90 7.11
C GLU B 3 -37.12 17.47 6.71
N MET B 4 -37.28 17.14 5.42
CA MET B 4 -36.93 15.86 4.82
C MET B 4 -36.36 16.10 3.42
N LEU B 5 -35.40 15.26 2.99
CA LEU B 5 -34.72 15.40 1.71
C LEU B 5 -35.70 15.07 0.59
N LYS B 6 -35.99 16.05 -0.30
CA LYS B 6 -36.94 15.91 -1.40
CA LYS B 6 -36.94 15.88 -1.39
C LYS B 6 -36.18 15.92 -2.72
N HIS B 7 -36.60 15.06 -3.67
CA HIS B 7 -36.09 15.00 -5.04
C HIS B 7 -37.05 15.77 -5.94
N GLU B 8 -36.55 16.61 -6.87
CA GLU B 8 -37.33 17.31 -7.88
C GLU B 8 -36.65 17.27 -9.25
N TYR B 9 -37.41 17.70 -10.28
CA TYR B 9 -36.96 17.93 -11.65
C TYR B 9 -37.42 19.34 -12.02
N VAL B 10 -36.61 20.08 -12.80
CA VAL B 10 -37.01 21.37 -13.33
C VAL B 10 -36.33 21.55 -14.68
N LYS B 11 -37.04 22.13 -15.67
CA LYS B 11 -36.49 22.53 -16.95
C LYS B 11 -35.68 23.81 -16.77
N VAL B 12 -34.45 23.79 -17.28
CA VAL B 12 -33.54 24.92 -17.30
CA VAL B 12 -33.53 24.92 -17.29
C VAL B 12 -32.83 24.90 -18.65
N ASN B 13 -32.82 26.04 -19.37
CA ASN B 13 -31.92 26.17 -20.53
C ASN B 13 -32.12 24.98 -21.49
N GLY B 14 -33.39 24.52 -21.65
CA GLY B 14 -33.75 23.41 -22.52
C GLY B 14 -33.40 21.98 -22.02
N ILE B 15 -32.83 21.78 -20.83
CA ILE B 15 -32.62 20.43 -20.29
C ILE B 15 -33.40 20.29 -18.99
N LYS B 16 -33.84 19.08 -18.69
CA LYS B 16 -34.45 18.73 -17.42
C LYS B 16 -33.35 18.32 -16.44
N MET B 17 -33.31 18.98 -15.29
CA MET B 17 -32.28 18.79 -14.29
CA MET B 17 -32.28 18.79 -14.29
C MET B 17 -32.93 18.23 -13.02
N HIS B 18 -32.39 17.11 -12.51
CA HIS B 18 -32.77 16.54 -11.23
C HIS B 18 -31.99 17.24 -10.13
N TYR B 19 -32.63 17.41 -8.95
CA TYR B 19 -31.93 17.92 -7.77
C TYR B 19 -32.60 17.35 -6.52
N VAL B 20 -31.82 17.25 -5.44
CA VAL B 20 -32.32 17.07 -4.08
C VAL B 20 -32.28 18.43 -3.36
N THR B 21 -33.24 18.63 -2.44
CA THR B 21 -33.35 19.88 -1.70
C THR B 21 -33.83 19.58 -0.28
N GLN B 22 -33.39 20.42 0.67
CA GLN B 22 -33.82 20.40 2.05
C GLN B 22 -33.56 21.78 2.63
N GLY B 23 -34.46 22.26 3.49
CA GLY B 23 -34.28 23.51 4.23
C GLY B 23 -34.98 24.68 3.53
N LYS B 24 -35.03 25.84 4.21
CA LYS B 24 -35.55 27.10 3.67
C LYS B 24 -34.61 28.23 4.10
N GLY B 25 -34.69 29.39 3.41
CA GLY B 25 -33.74 30.49 3.61
C GLY B 25 -33.13 30.92 2.28
N LYS B 26 -31.92 31.51 2.31
CA LYS B 26 -31.12 31.76 1.11
C LYS B 26 -30.90 30.46 0.33
N LEU B 27 -30.97 30.55 -1.02
CA LEU B 27 -30.55 29.48 -1.92
C LEU B 27 -29.05 29.22 -1.75
N LEU B 28 -28.70 28.00 -1.38
CA LEU B 28 -27.32 27.51 -1.34
C LEU B 28 -27.22 26.33 -2.31
N LEU B 29 -26.51 26.50 -3.43
CA LEU B 29 -26.25 25.43 -4.40
C LEU B 29 -24.97 24.68 -3.99
N LEU B 30 -25.04 23.36 -4.02
CA LEU B 30 -23.86 22.48 -3.90
C LEU B 30 -23.71 21.72 -5.22
N LEU B 31 -22.56 21.95 -5.90
CA LEU B 31 -22.32 21.38 -7.23
C LEU B 31 -21.19 20.36 -7.18
N HIS B 32 -21.50 19.11 -7.53
CA HIS B 32 -20.54 17.98 -7.54
C HIS B 32 -19.63 18.03 -8.79
N GLY B 33 -18.65 17.11 -8.85
CA GLY B 33 -17.83 16.86 -10.03
C GLY B 33 -17.77 15.39 -10.42
N PHE B 34 -16.63 14.99 -11.02
CA PHE B 34 -16.48 13.65 -11.57
C PHE B 34 -15.80 12.77 -10.51
N PRO B 35 -16.21 11.50 -10.29
CA PRO B 35 -17.35 10.87 -10.94
C PRO B 35 -18.51 10.77 -9.95
N ASP B 36 -19.02 11.93 -9.50
CA ASP B 36 -19.98 12.01 -8.42
C ASP B 36 -21.37 12.36 -8.99
N PHE B 37 -22.28 12.76 -8.10
CA PHE B 37 -23.60 13.30 -8.38
C PHE B 37 -24.05 13.98 -7.09
N TRP B 38 -25.35 14.30 -6.91
CA TRP B 38 -25.80 15.00 -5.71
C TRP B 38 -25.29 14.31 -4.43
N TYR B 39 -25.16 12.98 -4.48
CA TYR B 39 -24.97 12.13 -3.31
C TYR B 39 -23.65 12.41 -2.60
N VAL B 40 -22.67 12.97 -3.33
CA VAL B 40 -21.38 13.32 -2.73
C VAL B 40 -21.59 14.32 -1.56
N TRP B 41 -22.71 15.08 -1.58
CA TRP B 41 -23.02 16.09 -0.58
C TRP B 41 -23.82 15.57 0.63
N ARG B 42 -24.00 14.24 0.75
CA ARG B 42 -24.78 13.53 1.78
C ARG B 42 -24.46 13.98 3.21
N PHE B 43 -23.19 14.27 3.53
CA PHE B 43 -22.77 14.68 4.88
C PHE B 43 -22.92 16.18 5.13
N GLN B 44 -23.22 17.00 4.11
CA GLN B 44 -23.38 18.43 4.34
C GLN B 44 -24.85 18.88 4.22
N ILE B 45 -25.67 18.19 3.42
CA ILE B 45 -27.03 18.60 3.14
C ILE B 45 -27.80 18.79 4.45
N PRO B 46 -27.91 17.77 5.34
CA PRO B 46 -28.74 17.93 6.54
C PRO B 46 -28.32 19.10 7.42
N ALA B 47 -27.01 19.22 7.75
CA ALA B 47 -26.51 20.29 8.63
C ALA B 47 -26.76 21.69 8.04
N LEU B 48 -26.48 21.86 6.75
CA LEU B 48 -26.64 23.15 6.08
C LEU B 48 -28.12 23.53 5.94
N ALA B 49 -28.99 22.51 5.81
CA ALA B 49 -30.43 22.69 5.66
C ALA B 49 -31.08 23.27 6.93
N LYS B 50 -30.32 23.36 8.03
CA LYS B 50 -30.79 23.99 9.27
C LYS B 50 -30.88 25.49 9.08
N HIS B 51 -30.05 26.06 8.19
CA HIS B 51 -29.93 27.50 8.01
C HIS B 51 -30.31 27.96 6.58
N PHE B 52 -30.33 27.07 5.59
CA PHE B 52 -30.41 27.48 4.19
C PHE B 52 -31.37 26.57 3.42
N ARG B 53 -31.87 27.09 2.27
CA ARG B 53 -32.51 26.30 1.24
C ARG B 53 -31.42 25.64 0.37
N VAL B 54 -30.98 24.45 0.77
CA VAL B 54 -29.94 23.67 0.12
C VAL B 54 -30.51 23.02 -1.13
N VAL B 55 -29.83 23.23 -2.26
CA VAL B 55 -30.14 22.56 -3.53
C VAL B 55 -28.85 21.91 -4.05
N ALA B 56 -28.85 20.58 -4.21
CA ALA B 56 -27.73 19.81 -4.80
C ALA B 56 -28.22 19.17 -6.08
N PRO B 57 -27.92 19.76 -7.27
CA PRO B 57 -28.33 19.15 -8.56
C PRO B 57 -27.34 18.11 -9.07
N ASP B 58 -27.82 17.24 -9.96
CA ASP B 58 -27.01 16.47 -10.91
C ASP B 58 -26.77 17.38 -12.12
N LEU B 59 -25.49 17.62 -12.42
CA LEU B 59 -25.07 18.45 -13.54
C LEU B 59 -25.53 17.78 -14.82
N ARG B 60 -25.58 18.55 -15.93
CA ARG B 60 -25.79 18.01 -17.26
C ARG B 60 -24.98 16.73 -17.44
N GLY B 61 -25.68 15.66 -17.85
CA GLY B 61 -25.07 14.40 -18.27
C GLY B 61 -25.01 13.36 -17.14
N TYR B 62 -25.34 13.77 -15.91
CA TYR B 62 -25.08 12.93 -14.74
C TYR B 62 -26.41 12.41 -14.18
N ASN B 63 -26.41 11.16 -13.69
CA ASN B 63 -27.48 10.55 -12.90
C ASN B 63 -28.85 10.78 -13.55
N GLU B 64 -29.73 11.59 -12.92
CA GLU B 64 -31.13 11.71 -13.30
C GLU B 64 -31.36 12.92 -14.22
N THR B 65 -30.33 13.75 -14.46
CA THR B 65 -30.40 14.94 -15.31
C THR B 65 -30.31 14.53 -16.79
N ASP B 66 -30.81 15.36 -17.71
CA ASP B 66 -30.75 15.10 -19.14
C ASP B 66 -29.30 15.03 -19.61
N LYS B 67 -29.09 14.29 -20.69
CA LYS B 67 -27.79 13.94 -21.23
C LYS B 67 -27.77 14.19 -22.73
N PRO B 68 -27.76 15.44 -23.20
CA PRO B 68 -27.67 15.69 -24.63
C PRO B 68 -26.41 15.04 -25.24
N GLU B 69 -26.50 14.66 -26.53
CA GLU B 69 -25.43 13.98 -27.26
C GLU B 69 -24.45 15.00 -27.83
N GLY B 70 -23.16 14.64 -27.83
CA GLY B 70 -22.10 15.36 -28.51
C GLY B 70 -21.28 16.21 -27.56
N VAL B 71 -19.96 16.25 -27.82
CA VAL B 71 -18.96 16.90 -27.02
C VAL B 71 -19.31 18.38 -26.82
N GLU B 72 -19.85 19.02 -27.88
CA GLU B 72 -20.04 20.48 -27.87
C GLU B 72 -21.07 20.89 -26.82
N ASN B 73 -21.95 19.97 -26.39
CA ASN B 73 -22.99 20.25 -25.42
C ASN B 73 -22.45 20.27 -23.97
N TYR B 74 -21.12 20.13 -23.80
CA TYR B 74 -20.51 20.03 -22.49
C TYR B 74 -19.44 21.10 -22.36
N ARG B 75 -19.45 22.12 -23.25
CA ARG B 75 -18.59 23.29 -23.08
C ARG B 75 -18.95 23.96 -21.76
N LEU B 76 -17.93 24.54 -21.09
CA LEU B 76 -18.10 25.24 -19.82
C LEU B 76 -19.17 26.33 -19.90
N ASP B 77 -19.25 27.06 -21.02
CA ASP B 77 -20.20 28.17 -21.17
CA ASP B 77 -20.19 28.17 -21.16
C ASP B 77 -21.62 27.64 -20.99
N LEU B 78 -21.93 26.50 -21.63
CA LEU B 78 -23.27 25.91 -21.50
C LEU B 78 -23.52 25.37 -20.09
N LEU B 79 -22.48 24.83 -19.41
CA LEU B 79 -22.68 24.25 -18.09
C LEU B 79 -22.96 25.37 -17.06
N ALA B 80 -22.27 26.51 -17.17
CA ALA B 80 -22.51 27.66 -16.33
C ALA B 80 -23.91 28.23 -16.58
N LYS B 81 -24.34 28.27 -17.84
CA LYS B 81 -25.69 28.73 -18.20
C LYS B 81 -26.77 27.85 -17.58
N ASP B 82 -26.51 26.53 -17.45
CA ASP B 82 -27.43 25.62 -16.78
C ASP B 82 -27.65 26.08 -15.34
N ILE B 83 -26.59 26.51 -14.64
CA ILE B 83 -26.66 26.85 -13.23
C ILE B 83 -27.34 28.23 -13.08
N LEU B 84 -27.00 29.19 -13.96
CA LEU B 84 -27.68 30.47 -14.03
C LEU B 84 -29.18 30.25 -14.20
N GLY B 85 -29.56 29.40 -15.18
CA GLY B 85 -30.94 29.04 -15.41
C GLY B 85 -31.61 28.39 -14.20
N LEU B 86 -30.87 27.56 -13.46
CA LEU B 86 -31.38 26.87 -12.29
C LEU B 86 -31.70 27.86 -11.16
N ILE B 87 -30.85 28.87 -10.96
CA ILE B 87 -31.07 29.87 -9.92
C ILE B 87 -32.41 30.59 -10.22
N LYS B 88 -32.62 30.97 -11.48
CA LYS B 88 -33.81 31.64 -11.98
C LYS B 88 -35.01 30.73 -11.77
N ALA B 89 -34.94 29.47 -12.25
CA ALA B 89 -36.07 28.54 -12.22
C ALA B 89 -36.49 28.21 -10.79
N LEU B 90 -35.58 28.38 -9.82
CA LEU B 90 -35.90 28.19 -8.40
C LEU B 90 -36.48 29.48 -7.78
N GLY B 91 -36.77 30.50 -8.60
CA GLY B 91 -37.42 31.75 -8.24
C GLY B 91 -36.51 32.69 -7.46
N GLU B 92 -35.21 32.70 -7.73
CA GLU B 92 -34.27 33.54 -7.00
C GLU B 92 -33.46 34.38 -7.99
N GLU B 93 -32.80 35.42 -7.46
CA GLU B 93 -31.98 36.35 -8.25
C GLU B 93 -30.51 35.92 -8.15
N HIS B 94 -30.09 35.44 -6.97
CA HIS B 94 -28.73 35.05 -6.70
C HIS B 94 -28.75 33.82 -5.78
N ALA B 95 -27.59 33.18 -5.60
CA ALA B 95 -27.42 32.03 -4.69
C ALA B 95 -26.01 32.09 -4.12
N VAL B 96 -25.84 31.48 -2.93
CA VAL B 96 -24.51 31.06 -2.51
C VAL B 96 -24.17 29.80 -3.34
N VAL B 97 -23.01 29.79 -3.99
CA VAL B 97 -22.64 28.67 -4.87
C VAL B 97 -21.37 28.01 -4.30
N VAL B 98 -21.49 26.71 -4.01
CA VAL B 98 -20.39 25.86 -3.57
C VAL B 98 -20.15 24.80 -4.65
N GLY B 99 -18.90 24.74 -5.14
CA GLY B 99 -18.53 23.85 -6.22
C GLY B 99 -17.29 23.02 -5.88
N HIS B 100 -17.41 21.70 -6.05
CA HIS B 100 -16.27 20.78 -5.95
C HIS B 100 -15.88 20.32 -7.36
N ASP B 101 -14.60 20.31 -7.70
CA ASP B 101 -14.13 19.57 -8.89
C ASP B 101 -14.74 20.26 -10.11
N TRP B 102 -15.39 19.52 -11.04
CA TRP B 102 -16.02 20.17 -12.19
C TRP B 102 -17.04 21.24 -11.75
N GLY B 103 -17.73 20.96 -10.61
CA GLY B 103 -18.69 21.85 -10.01
C GLY B 103 -18.03 23.18 -9.63
N GLY B 104 -16.80 23.10 -9.13
CA GLY B 104 -15.99 24.28 -8.83
C GLY B 104 -15.62 25.05 -10.11
N ILE B 105 -15.19 24.33 -11.17
CA ILE B 105 -14.77 25.00 -12.41
C ILE B 105 -15.96 25.79 -12.97
N ILE B 106 -17.15 25.14 -13.01
CA ILE B 106 -18.40 25.75 -13.41
C ILE B 106 -18.68 26.95 -12.50
N SER B 107 -18.56 26.78 -11.17
CA SER B 107 -18.79 27.86 -10.22
C SER B 107 -17.88 29.08 -10.50
N TRP B 108 -16.59 28.86 -10.69
CA TRP B 108 -15.66 29.94 -11.03
C TRP B 108 -16.18 30.69 -12.31
N THR B 109 -16.68 29.95 -13.30
CA THR B 109 -17.08 30.48 -14.60
C THR B 109 -18.37 31.30 -14.45
N LEU B 110 -19.36 30.76 -13.74
CA LEU B 110 -20.59 31.43 -13.39
C LEU B 110 -20.30 32.76 -12.69
N THR B 111 -19.48 32.72 -11.65
CA THR B 111 -19.13 33.86 -10.84
C THR B 111 -18.44 34.95 -11.67
N ALA B 112 -17.48 34.55 -12.54
CA ALA B 112 -16.70 35.49 -13.31
C ALA B 112 -17.58 36.22 -14.34
N PHE B 113 -18.44 35.49 -15.04
CA PHE B 113 -19.19 36.01 -16.16
C PHE B 113 -20.58 36.50 -15.75
N ASN B 114 -21.08 36.09 -14.57
CA ASN B 114 -22.42 36.48 -14.08
C ASN B 114 -22.39 36.79 -12.59
N PRO B 115 -21.56 37.76 -12.14
CA PRO B 115 -21.35 37.99 -10.74
C PRO B 115 -22.62 38.38 -9.97
N GLN B 116 -23.56 39.05 -10.68
CA GLN B 116 -24.81 39.50 -10.09
C GLN B 116 -25.63 38.32 -9.58
N ALA B 117 -25.42 37.11 -10.18
CA ALA B 117 -26.19 35.90 -9.83
C ALA B 117 -25.59 35.12 -8.64
N VAL B 118 -24.43 35.55 -8.11
CA VAL B 118 -23.73 34.78 -7.09
C VAL B 118 -23.47 35.69 -5.89
N GLU B 119 -24.03 35.32 -4.73
CA GLU B 119 -23.87 36.11 -3.53
C GLU B 119 -22.49 35.91 -2.92
N LYS B 120 -22.13 34.64 -2.70
CA LYS B 120 -20.83 34.25 -2.24
C LYS B 120 -20.44 32.95 -3.00
N LEU B 121 -19.14 32.77 -3.18
CA LEU B 121 -18.57 31.65 -3.92
C LEU B 121 -17.73 30.80 -2.95
N VAL B 122 -17.99 29.49 -2.92
CA VAL B 122 -17.12 28.53 -2.24
C VAL B 122 -16.59 27.49 -3.25
N ILE B 123 -15.28 27.31 -3.28
CA ILE B 123 -14.59 26.36 -4.14
C ILE B 123 -13.92 25.30 -3.26
N LEU B 124 -14.19 24.00 -3.52
CA LEU B 124 -13.43 22.88 -2.95
C LEU B 124 -12.64 22.20 -4.08
N ASN B 125 -11.30 22.23 -3.99
CA ASN B 125 -10.41 21.44 -4.84
C ASN B 125 -10.83 21.53 -6.32
N ALA B 126 -10.85 22.76 -6.83
CA ALA B 126 -11.13 23.05 -8.24
C ALA B 126 -10.26 24.22 -8.66
N PRO B 127 -9.32 24.04 -9.62
CA PRO B 127 -8.41 25.14 -9.98
C PRO B 127 -9.24 26.18 -10.76
N HIS B 128 -8.89 27.45 -10.59
CA HIS B 128 -9.41 28.56 -11.39
C HIS B 128 -9.12 28.23 -12.86
N PRO B 129 -10.10 28.32 -13.79
CA PRO B 129 -9.85 27.94 -15.20
C PRO B 129 -8.66 28.64 -15.85
N LYS B 130 -8.41 29.91 -15.53
CA LYS B 130 -7.30 30.64 -16.14
CA LYS B 130 -7.30 30.64 -16.14
C LYS B 130 -5.97 30.17 -15.55
N ALA B 131 -5.95 29.90 -14.24
CA ALA B 131 -4.80 29.26 -13.60
C ALA B 131 -4.48 27.92 -14.30
N TYR B 132 -5.49 27.06 -14.54
CA TYR B 132 -5.32 25.76 -15.19
C TYR B 132 -4.73 26.00 -16.59
N MET B 133 -5.37 26.85 -17.41
CA MET B 133 -4.99 27.08 -18.79
CA MET B 133 -4.99 27.08 -18.79
C MET B 133 -3.59 27.68 -18.89
N THR B 134 -3.21 28.55 -17.95
CA THR B 134 -1.90 29.21 -17.96
C THR B 134 -0.80 28.25 -17.49
N ARG B 135 -1.03 27.58 -16.35
CA ARG B 135 0.06 26.98 -15.59
C ARG B 135 0.32 25.52 -16.01
N THR B 136 -0.71 24.80 -16.47
CA THR B 136 -0.64 23.34 -16.68
C THR B 136 0.47 22.96 -17.65
N LYS B 137 0.50 23.60 -18.83
CA LYS B 137 1.53 23.31 -19.83
C LYS B 137 2.95 23.58 -19.35
N ASN B 138 3.09 24.37 -18.27
CA ASN B 138 4.38 24.73 -17.68
C ASN B 138 4.66 23.93 -16.42
N SER B 139 3.79 22.98 -16.06
CA SER B 139 3.97 22.20 -14.83
C SER B 139 4.05 20.71 -15.18
N LEU B 140 5.27 20.14 -15.13
CA LEU B 140 5.45 18.71 -15.37
C LEU B 140 4.57 17.94 -14.39
N ARG B 141 4.56 18.38 -13.12
CA ARG B 141 3.80 17.75 -12.06
C ARG B 141 2.31 17.69 -12.40
N GLN B 142 1.75 18.82 -12.89
CA GLN B 142 0.35 18.81 -13.26
C GLN B 142 0.09 17.94 -14.49
N LEU B 143 0.94 18.00 -15.50
CA LEU B 143 0.73 17.19 -16.72
C LEU B 143 0.74 15.69 -16.39
N GLN B 144 1.62 15.32 -15.47
CA GLN B 144 1.74 13.95 -14.97
C GLN B 144 0.46 13.54 -14.24
N LYS B 145 -0.06 14.43 -13.38
CA LYS B 145 -1.29 14.16 -12.61
C LYS B 145 -2.48 14.09 -13.56
N SER B 146 -2.36 14.78 -14.70
CA SER B 146 -3.43 14.86 -15.69
C SER B 146 -3.31 13.76 -16.74
N TRP B 147 -2.53 12.69 -16.49
CA TRP B 147 -2.43 11.57 -17.45
C TRP B 147 -3.83 11.13 -17.88
N TYR B 148 -4.78 11.04 -16.93
CA TYR B 148 -6.11 10.47 -17.19
C TYR B 148 -6.93 11.45 -18.05
N VAL B 149 -6.66 12.77 -17.95
CA VAL B 149 -7.32 13.77 -18.81
C VAL B 149 -7.00 13.46 -20.28
N PHE B 150 -5.75 13.10 -20.60
CA PHE B 150 -5.35 12.73 -21.96
C PHE B 150 -5.99 11.40 -22.35
N PHE B 151 -5.97 10.42 -21.41
CA PHE B 151 -6.63 9.15 -21.64
C PHE B 151 -8.08 9.39 -22.07
N PHE B 152 -8.83 10.26 -21.35
CA PHE B 152 -10.26 10.49 -21.58
C PHE B 152 -10.58 11.15 -22.95
N GLN B 153 -9.56 11.71 -23.65
CA GLN B 153 -9.75 12.33 -24.95
C GLN B 153 -10.19 11.31 -26.01
N VAL B 154 -9.72 10.07 -25.90
CA VAL B 154 -9.90 9.06 -26.94
C VAL B 154 -11.36 8.61 -26.88
N ALA B 155 -12.01 8.41 -28.03
CA ALA B 155 -13.38 7.96 -28.10
C ALA B 155 -13.51 6.48 -27.73
N ASN B 156 -14.61 6.14 -27.03
CA ASN B 156 -15.11 4.80 -26.77
C ASN B 156 -14.24 3.98 -25.82
N ILE B 157 -12.90 3.97 -26.04
CA ILE B 157 -12.02 3.09 -25.26
C ILE B 157 -12.12 3.41 -23.77
N PRO B 158 -12.09 4.69 -23.32
CA PRO B 158 -12.17 5.00 -21.89
C PRO B 158 -13.51 4.60 -21.27
N GLU B 159 -14.62 4.84 -21.96
CA GLU B 159 -15.92 4.32 -21.53
C GLU B 159 -15.82 2.81 -21.23
N LYS B 160 -15.29 2.05 -22.20
CA LYS B 160 -15.22 0.60 -22.05
C LYS B 160 -14.37 0.25 -20.83
N ILE B 161 -13.18 0.85 -20.69
CA ILE B 161 -12.25 0.46 -19.63
C ILE B 161 -12.80 0.86 -18.25
N LEU B 162 -13.42 2.04 -18.15
CA LEU B 162 -13.94 2.52 -16.88
C LEU B 162 -15.15 1.71 -16.40
N SER B 163 -16.02 1.25 -17.32
CA SER B 163 -17.27 0.59 -16.96
C SER B 163 -17.14 -0.95 -16.81
N ARG B 164 -16.20 -1.60 -17.52
CA ARG B 164 -16.07 -3.05 -17.48
CA ARG B 164 -16.06 -3.05 -17.48
C ARG B 164 -15.88 -3.55 -16.04
N ASN B 165 -16.35 -4.79 -15.78
CA ASN B 165 -16.26 -5.41 -14.45
C ASN B 165 -16.91 -4.54 -13.38
N GLU B 166 -18.11 -4.02 -13.68
CA GLU B 166 -18.90 -3.25 -12.71
CA GLU B 166 -18.90 -3.25 -12.73
C GLU B 166 -18.11 -2.02 -12.25
N PHE B 167 -17.46 -1.32 -13.20
CA PHE B 167 -16.79 -0.05 -12.96
C PHE B 167 -15.63 -0.21 -11.99
N ALA B 168 -14.93 -1.35 -12.06
CA ALA B 168 -13.84 -1.65 -11.14
C ALA B 168 -12.73 -0.61 -11.27
N PHE B 169 -12.48 -0.20 -12.52
CA PHE B 169 -11.38 0.74 -12.77
C PHE B 169 -11.68 2.08 -12.08
N LEU B 170 -12.90 2.56 -12.27
CA LEU B 170 -13.38 3.81 -11.66
C LEU B 170 -13.41 3.76 -10.13
N LYS B 171 -13.92 2.65 -9.53
CA LYS B 171 -13.87 2.45 -8.08
C LYS B 171 -12.42 2.58 -7.58
N ASN B 172 -11.48 1.94 -8.30
CA ASN B 172 -10.08 1.95 -7.93
C ASN B 172 -9.51 3.38 -8.00
N MET B 173 -9.74 4.11 -9.11
CA MET B 173 -9.31 5.50 -9.28
C MET B 173 -9.78 6.34 -8.11
N LEU B 174 -11.05 6.17 -7.72
CA LEU B 174 -11.69 6.90 -6.63
C LEU B 174 -11.02 6.55 -5.30
N ILE B 175 -10.95 5.27 -4.95
CA ILE B 175 -10.41 4.80 -3.68
C ILE B 175 -8.93 5.15 -3.54
N GLN B 176 -8.12 5.07 -4.61
CA GLN B 176 -6.73 5.53 -4.66
C GLN B 176 -6.60 7.02 -4.28
N SER B 177 -7.64 7.82 -4.50
CA SER B 177 -7.58 9.28 -4.30
C SER B 177 -7.89 9.67 -2.84
N PHE B 178 -8.54 8.81 -2.07
CA PHE B 178 -8.93 9.10 -0.69
C PHE B 178 -7.73 8.93 0.24
N VAL B 179 -7.56 9.85 1.22
CA VAL B 179 -6.61 9.70 2.32
C VAL B 179 -7.30 9.14 3.57
N ARG B 180 -8.57 8.75 3.49
CA ARG B 180 -9.30 8.12 4.57
C ARG B 180 -9.69 6.72 4.11
N ARG B 181 -9.59 5.73 5.00
CA ARG B 181 -9.86 4.37 4.56
C ARG B 181 -11.35 4.11 4.73
N ASP B 182 -11.88 3.11 4.02
CA ASP B 182 -13.24 2.61 4.21
C ASP B 182 -14.24 3.77 4.15
N LEU B 183 -13.98 4.72 3.22
CA LEU B 183 -14.70 5.97 3.07
C LEU B 183 -16.05 5.75 2.41
N LEU B 184 -16.10 4.84 1.41
CA LEU B 184 -17.35 4.37 0.80
C LEU B 184 -17.72 3.00 1.38
N THR B 185 -18.92 2.86 1.93
CA THR B 185 -19.51 1.60 2.37
C THR B 185 -19.93 0.80 1.14
N GLU B 186 -20.20 -0.50 1.31
CA GLU B 186 -20.70 -1.35 0.22
CA GLU B 186 -20.68 -1.34 0.22
C GLU B 186 -22.00 -0.77 -0.32
N GLU B 187 -22.79 -0.17 0.57
CA GLU B 187 -24.06 0.47 0.23
C GLU B 187 -23.81 1.67 -0.70
N ASP B 188 -22.86 2.54 -0.28
CA ASP B 188 -22.43 3.68 -1.04
C ASP B 188 -22.09 3.26 -2.47
N LEU B 189 -21.25 2.21 -2.62
CA LEU B 189 -20.72 1.78 -3.90
C LEU B 189 -21.84 1.30 -4.80
N ARG B 190 -22.90 0.76 -4.19
CA ARG B 190 -24.04 0.26 -4.95
C ARG B 190 -24.83 1.47 -5.52
N ILE B 191 -24.96 2.52 -4.71
CA ILE B 191 -25.62 3.78 -5.08
C ILE B 191 -24.81 4.48 -6.19
N TYR B 192 -23.47 4.57 -6.04
CA TYR B 192 -22.59 5.11 -7.10
C TYR B 192 -22.75 4.31 -8.41
N VAL B 193 -22.77 2.97 -8.34
CA VAL B 193 -22.84 2.17 -9.57
C VAL B 193 -24.18 2.41 -10.28
N ASP B 194 -25.26 2.61 -9.53
CA ASP B 194 -26.55 2.92 -10.16
C ASP B 194 -26.50 4.22 -10.96
N ALA B 195 -25.91 5.26 -10.37
CA ALA B 195 -25.68 6.57 -10.99
C ALA B 195 -24.78 6.45 -12.21
N TRP B 196 -23.69 5.67 -12.10
CA TRP B 196 -22.72 5.48 -13.19
C TRP B 196 -23.35 4.77 -14.38
N SER B 197 -24.31 3.88 -14.06
CA SER B 197 -24.91 2.96 -15.02
C SER B 197 -26.01 3.59 -15.84
N LYS B 198 -26.48 4.79 -15.45
CA LYS B 198 -27.52 5.48 -16.20
C LYS B 198 -27.05 5.64 -17.65
N SER B 199 -27.97 5.37 -18.57
CA SER B 199 -27.66 5.27 -19.98
C SER B 199 -27.16 6.63 -20.46
N GLY B 200 -25.94 6.66 -21.02
CA GLY B 200 -25.29 7.84 -21.56
C GLY B 200 -24.46 8.62 -20.53
N ALA B 201 -24.48 8.26 -19.24
CA ALA B 201 -23.90 9.07 -18.17
C ALA B 201 -22.38 9.16 -18.31
N LEU B 202 -21.72 8.01 -18.55
CA LEU B 202 -20.26 7.95 -18.54
C LEU B 202 -19.73 8.74 -19.74
N THR B 203 -20.32 8.58 -20.93
CA THR B 203 -19.88 9.35 -22.09
C THR B 203 -20.01 10.84 -21.80
N SER B 204 -21.17 11.23 -21.23
CA SER B 204 -21.53 12.62 -20.96
C SER B 204 -20.51 13.23 -19.98
N ALA B 205 -20.19 12.51 -18.89
CA ALA B 205 -19.18 12.92 -17.91
C ALA B 205 -17.80 13.14 -18.56
N LEU B 206 -17.35 12.19 -19.41
CA LEU B 206 -16.06 12.26 -20.08
C LEU B 206 -16.05 13.40 -21.10
N ASN B 207 -17.20 13.74 -21.69
CA ASN B 207 -17.31 14.88 -22.61
C ASN B 207 -16.87 16.19 -21.97
N TYR B 208 -16.94 16.30 -20.61
CA TYR B 208 -16.44 17.52 -19.95
C TYR B 208 -14.96 17.73 -20.27
N TYR B 209 -14.17 16.63 -20.30
CA TYR B 209 -12.73 16.68 -20.54
C TYR B 209 -12.46 16.90 -22.03
N ARG B 210 -13.30 16.33 -22.90
CA ARG B 210 -13.12 16.40 -24.36
C ARG B 210 -13.48 17.81 -24.83
N ALA B 211 -14.51 18.44 -24.24
CA ALA B 211 -14.92 19.81 -24.57
C ALA B 211 -13.98 20.85 -23.98
N ASN B 212 -13.48 20.65 -22.74
CA ASN B 212 -12.86 21.77 -22.03
C ASN B 212 -11.38 21.60 -21.77
N LEU B 213 -10.85 20.38 -21.87
CA LEU B 213 -9.48 20.10 -21.45
C LEU B 213 -8.76 19.21 -22.48
N ASN B 214 -9.19 19.32 -23.76
CA ASN B 214 -8.48 18.68 -24.87
C ASN B 214 -7.09 19.31 -24.98
N PRO B 215 -6.13 18.66 -25.70
CA PRO B 215 -4.76 19.19 -25.78
C PRO B 215 -4.64 20.57 -26.47
N ASP B 216 -5.55 20.88 -27.41
CA ASP B 216 -5.62 22.19 -28.04
C ASP B 216 -5.81 23.31 -27.02
N ILE B 217 -6.73 23.12 -26.07
CA ILE B 217 -6.96 24.10 -25.02
C ILE B 217 -5.80 24.15 -24.03
N ILE B 218 -5.30 22.99 -23.61
CA ILE B 218 -4.21 22.94 -22.64
C ILE B 218 -2.95 23.61 -23.19
N PHE B 219 -2.63 23.36 -24.48
CA PHE B 219 -1.39 23.85 -25.08
C PHE B 219 -1.60 25.10 -25.95
N SER B 220 -2.80 25.70 -25.88
CA SER B 220 -3.11 26.97 -26.55
C SER B 220 -2.04 28.01 -26.26
N GLU B 221 -1.64 28.74 -27.30
CA GLU B 221 -0.78 29.89 -27.12
C GLU B 221 -1.64 31.11 -26.84
N LYS B 222 -2.94 31.09 -27.19
CA LYS B 222 -3.82 32.24 -27.07
C LYS B 222 -4.08 32.47 -25.60
N THR B 223 -4.11 33.75 -25.21
CA THR B 223 -4.42 34.14 -23.84
C THR B 223 -5.93 34.05 -23.62
N VAL B 224 -6.34 33.68 -22.39
CA VAL B 224 -7.73 33.33 -22.10
C VAL B 224 -8.40 34.56 -21.47
N VAL B 225 -9.57 34.96 -21.98
CA VAL B 225 -10.32 36.09 -21.47
C VAL B 225 -11.19 35.58 -20.31
N PHE B 226 -10.92 36.09 -19.11
CA PHE B 226 -11.59 35.63 -17.90
C PHE B 226 -11.67 36.79 -16.92
N PRO B 227 -12.87 37.39 -16.71
CA PRO B 227 -12.97 38.56 -15.81
C PRO B 227 -12.52 38.14 -14.40
N LYS B 228 -11.99 39.11 -13.64
CA LYS B 228 -11.70 38.92 -12.21
C LYS B 228 -12.96 38.55 -11.44
N ILE B 229 -12.78 37.77 -10.37
CA ILE B 229 -13.83 37.39 -9.44
C ILE B 229 -14.11 38.61 -8.53
N LYS B 230 -15.37 39.02 -8.51
CA LYS B 230 -15.80 40.26 -7.85
C LYS B 230 -16.83 39.95 -6.76
N VAL B 231 -16.91 38.65 -6.34
CA VAL B 231 -17.78 38.25 -5.27
C VAL B 231 -16.92 37.63 -4.16
N PRO B 232 -17.25 37.85 -2.87
CA PRO B 232 -16.47 37.25 -1.77
C PRO B 232 -16.35 35.74 -1.97
N THR B 233 -15.13 35.23 -1.82
CA THR B 233 -14.78 33.85 -2.18
C THR B 233 -14.06 33.12 -1.04
N LEU B 234 -14.47 31.87 -0.77
CA LEU B 234 -13.72 30.93 0.07
C LEU B 234 -13.27 29.73 -0.78
N VAL B 235 -11.97 29.44 -0.75
CA VAL B 235 -11.37 28.26 -1.35
C VAL B 235 -10.97 27.31 -0.22
N ILE B 236 -11.57 26.11 -0.19
CA ILE B 236 -11.18 25.00 0.68
C ILE B 236 -10.34 24.03 -0.16
N TRP B 237 -9.17 23.60 0.37
CA TRP B 237 -8.18 22.87 -0.39
C TRP B 237 -7.46 21.76 0.39
N GLY B 238 -7.86 20.50 0.15
CA GLY B 238 -7.10 19.31 0.58
C GLY B 238 -5.78 19.23 -0.17
N GLU B 239 -4.65 19.32 0.52
CA GLU B 239 -3.34 19.47 -0.10
C GLU B 239 -2.84 18.15 -0.71
N LYS B 240 -3.36 16.99 -0.29
CA LYS B 240 -2.91 15.70 -0.84
C LYS B 240 -3.72 15.28 -2.07
N ASP B 241 -3.86 16.20 -3.03
CA ASP B 241 -4.78 16.01 -4.14
C ASP B 241 -3.99 15.32 -5.26
N VAL B 242 -4.45 14.13 -5.66
CA VAL B 242 -3.77 13.32 -6.67
C VAL B 242 -4.04 13.88 -8.08
N ALA B 243 -5.09 14.69 -8.22
CA ALA B 243 -5.57 15.24 -9.48
C ALA B 243 -4.99 16.63 -9.77
N ILE B 244 -4.65 17.39 -8.71
CA ILE B 244 -4.27 18.81 -8.85
C ILE B 244 -3.01 19.17 -8.04
N SER B 245 -2.01 19.75 -8.72
CA SER B 245 -0.79 20.30 -8.14
C SER B 245 -1.08 21.62 -7.42
N LYS B 246 -0.37 21.88 -6.31
CA LYS B 246 -0.45 23.13 -5.57
C LYS B 246 -0.02 24.30 -6.44
N ASP B 247 0.79 24.02 -7.47
CA ASP B 247 1.20 24.98 -8.49
C ASP B 247 -0.02 25.72 -9.03
N LEU B 248 -1.19 25.07 -9.05
CA LEU B 248 -2.38 25.60 -9.68
C LEU B 248 -3.24 26.47 -8.75
N ILE B 249 -2.97 26.50 -7.44
CA ILE B 249 -3.84 27.20 -6.50
CA ILE B 249 -3.85 27.19 -6.50
C ILE B 249 -3.13 28.35 -5.79
N VAL B 250 -1.81 28.40 -5.86
CA VAL B 250 -1.03 29.49 -5.28
C VAL B 250 -1.31 30.77 -6.08
N ASN B 251 -1.22 31.95 -5.44
CA ASN B 251 -1.19 33.22 -6.15
C ASN B 251 -2.51 33.47 -6.87
N MET B 252 -3.61 33.33 -6.12
CA MET B 252 -4.95 33.62 -6.59
C MET B 252 -5.16 35.13 -6.71
N GLU B 253 -4.27 35.97 -6.12
CA GLU B 253 -4.39 37.43 -6.10
C GLU B 253 -4.78 38.01 -7.46
N ASP B 254 -4.06 37.57 -8.48
CA ASP B 254 -4.21 38.15 -9.81
CA ASP B 254 -4.19 38.10 -9.83
C ASP B 254 -5.55 37.75 -10.44
N PHE B 255 -6.33 36.84 -9.79
CA PHE B 255 -7.63 36.41 -10.33
C PHE B 255 -8.84 36.97 -9.56
N ILE B 256 -8.64 37.42 -8.31
CA ILE B 256 -9.73 37.72 -7.38
C ILE B 256 -9.54 39.15 -6.88
N GLU B 257 -10.51 40.02 -7.21
CA GLU B 257 -10.54 41.40 -6.75
C GLU B 257 -11.31 41.53 -5.42
N ALA B 258 -12.40 40.78 -5.24
CA ALA B 258 -13.17 40.78 -4.01
C ALA B 258 -12.37 40.12 -2.88
N PRO B 259 -12.74 40.34 -1.59
CA PRO B 259 -12.11 39.61 -0.48
C PRO B 259 -12.20 38.10 -0.69
N TYR B 260 -11.10 37.40 -0.35
CA TYR B 260 -11.12 35.95 -0.40
C TYR B 260 -10.30 35.39 0.73
N SER B 261 -10.56 34.12 1.05
CA SER B 261 -9.68 33.37 1.93
C SER B 261 -9.52 31.92 1.48
N ILE B 262 -8.32 31.33 1.74
CA ILE B 262 -8.02 29.95 1.41
CA ILE B 262 -7.98 29.96 1.41
C ILE B 262 -7.79 29.20 2.72
N LYS B 263 -8.60 28.15 2.95
CA LYS B 263 -8.42 27.22 4.07
C LYS B 263 -7.79 25.95 3.51
N TYR B 264 -6.50 25.71 3.82
CA TYR B 264 -5.76 24.49 3.49
C TYR B 264 -6.06 23.38 4.50
N PHE B 265 -6.36 22.17 3.99
CA PHE B 265 -6.49 20.97 4.81
C PHE B 265 -5.32 20.04 4.50
N PRO B 266 -4.19 20.15 5.24
CA PRO B 266 -2.94 19.48 4.85
C PRO B 266 -3.02 17.96 4.88
N GLU B 267 -4.04 17.40 5.55
CA GLU B 267 -4.19 15.97 5.79
C GLU B 267 -5.33 15.37 4.98
N CYS B 268 -5.93 16.18 4.10
CA CYS B 268 -7.01 15.77 3.21
C CYS B 268 -6.52 15.85 1.76
N GLY B 269 -7.22 15.11 0.90
CA GLY B 269 -7.00 15.12 -0.54
C GLY B 269 -8.16 15.76 -1.29
N HIS B 270 -8.42 15.26 -2.49
CA HIS B 270 -9.34 15.82 -3.44
C HIS B 270 -10.74 15.90 -2.85
N TRP B 271 -11.17 14.82 -2.16
CA TRP B 271 -12.54 14.71 -1.63
C TRP B 271 -12.59 15.23 -0.17
N VAL B 272 -12.12 16.46 0.03
CA VAL B 272 -12.06 17.15 1.31
C VAL B 272 -13.42 17.13 2.02
N GLN B 273 -14.55 17.22 1.31
CA GLN B 273 -15.90 17.23 1.93
C GLN B 273 -16.30 15.86 2.50
N LEU B 274 -15.64 14.79 2.05
CA LEU B 274 -15.85 13.44 2.57
C LEU B 274 -14.87 13.15 3.73
N GLU B 275 -13.70 13.79 3.76
CA GLU B 275 -12.61 13.40 4.66
C GLU B 275 -12.69 14.19 5.96
N GLU B 276 -13.06 15.49 5.89
CA GLU B 276 -13.37 16.30 7.05
C GLU B 276 -14.75 16.90 6.87
N PRO B 277 -15.81 16.09 6.82
CA PRO B 277 -17.14 16.58 6.53
C PRO B 277 -17.65 17.69 7.44
N GLU B 278 -17.29 17.63 8.74
CA GLU B 278 -17.85 18.55 9.71
C GLU B 278 -17.09 19.87 9.63
N LEU B 279 -15.78 19.82 9.52
CA LEU B 279 -14.98 21.03 9.43
C LEU B 279 -15.31 21.83 8.15
N VAL B 280 -15.50 21.14 7.02
CA VAL B 280 -15.91 21.74 5.77
C VAL B 280 -17.27 22.41 5.95
N ARG B 281 -18.23 21.69 6.54
CA ARG B 281 -19.57 22.21 6.78
C ARG B 281 -19.48 23.50 7.60
N LYS B 282 -18.65 23.48 8.65
CA LYS B 282 -18.42 24.62 9.52
C LYS B 282 -17.88 25.80 8.74
N HIS B 283 -16.76 25.63 8.02
CA HIS B 283 -16.10 26.71 7.27
C HIS B 283 -17.07 27.34 6.28
N ILE B 284 -17.98 26.54 5.70
CA ILE B 284 -18.97 27.03 4.76
C ILE B 284 -20.02 27.89 5.47
N GLU B 285 -20.61 27.36 6.56
CA GLU B 285 -21.59 28.05 7.40
C GLU B 285 -21.03 29.39 7.89
N GLU B 286 -19.87 29.36 8.55
CA GLU B 286 -19.24 30.54 9.12
C GLU B 286 -19.04 31.62 8.07
N PHE B 287 -18.60 31.24 6.89
CA PHE B 287 -18.34 32.16 5.79
C PHE B 287 -19.62 32.87 5.39
N ILE B 288 -20.73 32.14 5.22
CA ILE B 288 -22.00 32.71 4.82
C ILE B 288 -22.59 33.58 5.94
N LEU B 289 -22.65 33.05 7.19
CA LEU B 289 -23.28 33.66 8.36
C LEU B 289 -22.38 34.71 9.02
N LYS B 290 -21.16 34.93 8.54
CA LYS B 290 -20.37 36.06 8.96
C LYS B 290 -19.80 36.79 7.75
N GLU C 3 42.52 -15.91 -1.04
CA GLU C 3 41.13 -16.44 -1.21
C GLU C 3 40.23 -15.39 -1.88
N MET C 4 39.16 -15.84 -2.55
CA MET C 4 38.14 -14.95 -3.13
C MET C 4 36.75 -15.57 -2.93
N LEU C 5 35.75 -14.75 -2.55
CA LEU C 5 34.39 -15.20 -2.30
C LEU C 5 33.75 -15.66 -3.62
N LYS C 6 33.38 -16.94 -3.73
CA LYS C 6 32.83 -17.53 -4.95
CA LYS C 6 32.83 -17.53 -4.95
C LYS C 6 31.37 -17.91 -4.71
N HIS C 7 30.51 -17.71 -5.72
CA HIS C 7 29.09 -18.04 -5.73
C HIS C 7 28.89 -19.35 -6.47
N GLU C 8 28.00 -20.25 -5.99
CA GLU C 8 27.70 -21.52 -6.65
C GLU C 8 26.23 -21.86 -6.46
N TYR C 9 25.75 -22.81 -7.28
CA TYR C 9 24.42 -23.42 -7.17
C TYR C 9 24.60 -24.94 -7.16
N VAL C 10 23.80 -25.67 -6.37
CA VAL C 10 23.88 -27.12 -6.29
C VAL C 10 22.48 -27.67 -6.02
N LYS C 11 22.11 -28.78 -6.66
CA LYS C 11 20.87 -29.50 -6.45
C LYS C 11 20.99 -30.33 -5.17
N VAL C 12 20.03 -30.16 -4.26
CA VAL C 12 19.97 -30.83 -2.97
CA VAL C 12 19.97 -30.82 -2.96
C VAL C 12 18.50 -31.15 -2.71
N ASN C 13 18.18 -32.42 -2.41
CA ASN C 13 16.85 -32.75 -1.92
C ASN C 13 15.78 -32.15 -2.86
N GLY C 14 16.02 -32.19 -4.19
CA GLY C 14 15.04 -31.73 -5.17
C GLY C 14 14.97 -30.20 -5.40
N ILE C 15 15.74 -29.37 -4.68
CA ILE C 15 15.75 -27.93 -4.93
C ILE C 15 17.18 -27.51 -5.28
N LYS C 16 17.30 -26.42 -6.03
CA LYS C 16 18.58 -25.80 -6.32
C LYS C 16 18.84 -24.75 -5.24
N MET C 17 20.02 -24.83 -4.64
N MET C 17 20.02 -24.83 -4.63
CA MET C 17 20.40 -23.96 -3.55
CA MET C 17 20.40 -23.96 -3.54
C MET C 17 21.61 -23.14 -3.98
C MET C 17 21.62 -23.15 -3.97
N HIS C 18 21.55 -21.82 -3.79
CA HIS C 18 22.67 -20.92 -4.01
C HIS C 18 23.48 -20.88 -2.72
N TYR C 19 24.81 -20.73 -2.83
CA TYR C 19 25.68 -20.47 -1.68
C TYR C 19 26.89 -19.66 -2.12
N VAL C 20 27.49 -18.93 -1.17
CA VAL C 20 28.82 -18.36 -1.30
C VAL C 20 29.79 -19.23 -0.48
N THR C 21 31.05 -19.30 -0.95
CA THR C 21 32.08 -20.13 -0.33
C THR C 21 33.44 -19.45 -0.44
N GLN C 22 34.30 -19.66 0.56
CA GLN C 22 35.67 -19.15 0.61
C GLN C 22 36.45 -20.02 1.59
N GLY C 23 37.72 -20.31 1.27
CA GLY C 23 38.62 -21.04 2.16
C GLY C 23 38.63 -22.52 1.84
N LYS C 24 39.56 -23.26 2.47
CA LYS C 24 39.67 -24.72 2.38
C LYS C 24 39.92 -25.26 3.79
N GLY C 25 39.68 -26.57 3.98
CA GLY C 25 39.74 -27.21 5.28
C GLY C 25 38.45 -27.97 5.56
N LYS C 26 38.08 -28.09 6.85
CA LYS C 26 36.79 -28.65 7.24
C LYS C 26 35.66 -27.78 6.69
N LEU C 27 34.57 -28.44 6.26
CA LEU C 27 33.31 -27.79 5.93
C LEU C 27 32.73 -27.10 7.16
N LEU C 28 32.55 -25.78 7.09
CA LEU C 28 31.87 -24.97 8.08
C LEU C 28 30.65 -24.31 7.41
N LEU C 29 29.43 -24.75 7.76
CA LEU C 29 28.18 -24.13 7.28
C LEU C 29 27.78 -22.96 8.19
N LEU C 30 27.44 -21.82 7.58
CA LEU C 30 26.81 -20.70 8.28
C LEU C 30 25.40 -20.54 7.71
N LEU C 31 24.37 -20.67 8.58
CA LEU C 31 22.98 -20.66 8.14
C LEU C 31 22.28 -19.45 8.76
N HIS C 32 21.77 -18.55 7.89
CA HIS C 32 21.07 -17.31 8.28
C HIS C 32 19.62 -17.61 8.69
N GLY C 33 18.87 -16.59 9.13
CA GLY C 33 17.44 -16.64 9.40
C GLY C 33 16.67 -15.49 8.73
N PHE C 34 15.57 -15.07 9.36
CA PHE C 34 14.67 -14.07 8.82
C PHE C 34 15.05 -12.71 9.37
N PRO C 35 15.09 -11.61 8.57
CA PRO C 35 14.87 -11.65 7.13
C PRO C 35 16.19 -11.44 6.40
N ASP C 36 17.09 -12.43 6.55
CA ASP C 36 18.47 -12.33 6.07
C ASP C 36 18.67 -13.19 4.84
N PHE C 37 19.96 -13.42 4.50
CA PHE C 37 20.41 -14.37 3.47
C PHE C 37 21.90 -14.57 3.74
N TRP C 38 22.68 -15.16 2.81
CA TRP C 38 24.09 -15.41 3.08
C TRP C 38 24.78 -14.16 3.59
N TYR C 39 24.33 -12.97 3.14
CA TYR C 39 25.03 -11.70 3.32
C TYR C 39 25.14 -11.29 4.79
N VAL C 40 24.27 -11.84 5.67
CA VAL C 40 24.35 -11.56 7.12
C VAL C 40 25.70 -12.03 7.65
N TRP C 41 26.35 -12.97 6.98
CA TRP C 41 27.63 -13.56 7.43
C TRP C 41 28.87 -12.86 6.84
N ARG C 42 28.68 -11.69 6.19
CA ARG C 42 29.71 -10.91 5.48
C ARG C 42 30.93 -10.65 6.37
N PHE C 43 30.76 -10.37 7.67
CA PHE C 43 31.88 -10.06 8.56
C PHE C 43 32.58 -11.29 9.14
N GLN C 44 32.03 -12.51 8.92
CA GLN C 44 32.66 -13.72 9.45
C GLN C 44 33.29 -14.56 8.33
N ILE C 45 32.77 -14.49 7.10
CA ILE C 45 33.23 -15.34 6.01
C ILE C 45 34.73 -15.16 5.81
N PRO C 46 35.28 -13.94 5.56
CA PRO C 46 36.70 -13.78 5.31
C PRO C 46 37.60 -14.32 6.43
N ALA C 47 37.34 -13.97 7.70
CA ALA C 47 38.19 -14.36 8.81
C ALA C 47 38.17 -15.89 9.03
N LEU C 48 36.98 -16.49 8.94
CA LEU C 48 36.83 -17.93 9.13
C LEU C 48 37.45 -18.71 7.98
N ALA C 49 37.44 -18.11 6.78
CA ALA C 49 37.97 -18.72 5.57
C ALA C 49 39.50 -18.89 5.64
N LYS C 50 40.15 -18.29 6.65
CA LYS C 50 41.58 -18.48 6.89
C LYS C 50 41.88 -19.91 7.33
N HIS C 51 40.91 -20.54 8.04
CA HIS C 51 41.09 -21.83 8.68
C HIS C 51 40.15 -22.91 8.12
N PHE C 52 39.05 -22.54 7.45
CA PHE C 52 38.00 -23.50 7.11
C PHE C 52 37.49 -23.27 5.70
N ARG C 53 36.85 -24.31 5.13
CA ARG C 53 36.02 -24.20 3.93
C ARG C 53 34.62 -23.72 4.36
N VAL C 54 34.46 -22.38 4.39
CA VAL C 54 33.23 -21.69 4.74
C VAL C 54 32.21 -21.81 3.61
N VAL C 55 31.01 -22.29 3.93
CA VAL C 55 29.86 -22.32 3.02
C VAL C 55 28.67 -21.62 3.70
N ALA C 56 28.17 -20.52 3.11
CA ALA C 56 27.00 -19.80 3.59
C ALA C 56 25.93 -19.90 2.52
N PRO C 57 24.91 -20.77 2.67
CA PRO C 57 23.82 -20.87 1.68
C PRO C 57 22.68 -19.88 1.96
N ASP C 58 21.85 -19.66 0.94
CA ASP C 58 20.50 -19.13 1.04
C ASP C 58 19.59 -20.32 1.27
N LEU C 59 18.82 -20.25 2.37
CA LEU C 59 17.92 -21.34 2.74
C LEU C 59 16.81 -21.42 1.72
N ARG C 60 16.08 -22.55 1.68
CA ARG C 60 14.89 -22.71 0.87
C ARG C 60 14.04 -21.45 0.98
N GLY C 61 13.67 -20.86 -0.18
CA GLY C 61 12.74 -19.74 -0.25
C GLY C 61 13.42 -18.37 -0.31
N TYR C 62 14.72 -18.31 0.00
CA TYR C 62 15.40 -17.03 0.18
C TYR C 62 16.31 -16.73 -1.01
N ASN C 63 16.40 -15.44 -1.38
CA ASN C 63 17.36 -14.88 -2.34
C ASN C 63 17.43 -15.70 -3.62
N GLU C 64 18.56 -16.40 -3.85
CA GLU C 64 18.88 -17.03 -5.12
C GLU C 64 18.52 -18.51 -5.12
N THR C 65 18.09 -19.07 -3.95
CA THR C 65 17.72 -20.48 -3.81
C THR C 65 16.29 -20.68 -4.33
N ASP C 66 15.93 -21.91 -4.71
CA ASP C 66 14.60 -22.24 -5.18
C ASP C 66 13.58 -21.95 -4.08
N LYS C 67 12.34 -21.71 -4.52
CA LYS C 67 11.26 -21.23 -3.68
C LYS C 67 10.01 -22.03 -4.00
N PRO C 68 9.92 -23.30 -3.60
CA PRO C 68 8.70 -24.07 -3.87
C PRO C 68 7.47 -23.38 -3.26
N GLU C 69 6.31 -23.57 -3.90
CA GLU C 69 5.02 -23.04 -3.47
C GLU C 69 4.41 -23.94 -2.41
N GLY C 70 3.70 -23.33 -1.45
CA GLY C 70 2.87 -24.03 -0.46
C GLY C 70 3.56 -24.09 0.90
N VAL C 71 2.77 -23.83 1.96
CA VAL C 71 3.22 -23.78 3.34
C VAL C 71 3.92 -25.09 3.71
N GLU C 72 3.40 -26.22 3.24
CA GLU C 72 3.87 -27.54 3.66
C GLU C 72 5.31 -27.81 3.20
N ASN C 73 5.80 -27.08 2.20
CA ASN C 73 7.18 -27.21 1.72
C ASN C 73 8.19 -26.47 2.60
N TYR C 74 7.73 -25.92 3.74
CA TYR C 74 8.60 -25.17 4.63
C TYR C 74 8.61 -25.79 6.02
N ARG C 75 8.08 -27.02 6.17
CA ARG C 75 8.19 -27.72 7.44
CA ARG C 75 8.19 -27.75 7.43
C ARG C 75 9.66 -27.91 7.80
N LEU C 76 9.97 -27.84 9.10
CA LEU C 76 11.32 -28.01 9.64
C LEU C 76 12.01 -29.27 9.14
N ASP C 77 11.28 -30.39 9.04
CA ASP C 77 11.85 -31.67 8.61
CA ASP C 77 11.88 -31.66 8.61
C ASP C 77 12.50 -31.51 7.22
N LEU C 78 11.79 -30.84 6.30
CA LEU C 78 12.29 -30.60 4.94
C LEU C 78 13.47 -29.65 4.95
N LEU C 79 13.47 -28.64 5.84
CA LEU C 79 14.55 -27.66 5.85
C LEU C 79 15.86 -28.29 6.35
N ALA C 80 15.77 -29.15 7.38
CA ALA C 80 16.93 -29.86 7.88
C ALA C 80 17.44 -30.82 6.80
N LYS C 81 16.55 -31.50 6.06
CA LYS C 81 16.94 -32.40 4.99
C LYS C 81 17.69 -31.67 3.87
N ASP C 82 17.33 -30.41 3.60
CA ASP C 82 18.05 -29.56 2.66
C ASP C 82 19.51 -29.43 3.09
N ILE C 83 19.77 -29.25 4.38
CA ILE C 83 21.12 -29.01 4.89
C ILE C 83 21.91 -30.34 4.88
N LEU C 84 21.25 -31.44 5.28
CA LEU C 84 21.85 -32.77 5.18
C LEU C 84 22.27 -33.04 3.74
N GLY C 85 21.36 -32.77 2.79
CA GLY C 85 21.61 -32.91 1.36
C GLY C 85 22.79 -32.05 0.89
N LEU C 86 22.91 -30.84 1.45
CA LEU C 86 23.97 -29.91 1.10
C LEU C 86 25.34 -30.43 1.55
N ILE C 87 25.41 -31.03 2.73
CA ILE C 87 26.66 -31.58 3.24
C ILE C 87 27.17 -32.65 2.28
N LYS C 88 26.26 -33.54 1.87
CA LYS C 88 26.50 -34.64 0.94
C LYS C 88 26.95 -34.08 -0.41
N ALA C 89 26.18 -33.15 -1.00
CA ALA C 89 26.43 -32.59 -2.33
C ALA C 89 27.76 -31.84 -2.38
N LEU C 90 28.29 -31.36 -1.24
CA LEU C 90 29.60 -30.72 -1.15
C LEU C 90 30.73 -31.76 -0.97
N GLY C 91 30.39 -33.07 -1.07
CA GLY C 91 31.31 -34.19 -0.94
C GLY C 91 31.86 -34.42 0.46
N GLU C 92 31.06 -34.15 1.52
CA GLU C 92 31.54 -34.35 2.89
C GLU C 92 30.60 -35.30 3.63
N GLU C 93 31.08 -35.81 4.78
CA GLU C 93 30.32 -36.70 5.65
C GLU C 93 29.61 -35.89 6.74
N HIS C 94 30.27 -34.85 7.23
CA HIS C 94 29.81 -34.03 8.34
C HIS C 94 30.26 -32.60 8.09
N ALA C 95 29.73 -31.65 8.88
CA ALA C 95 30.20 -30.26 8.86
C ALA C 95 30.11 -29.70 10.25
N VAL C 96 30.92 -28.66 10.53
CA VAL C 96 30.61 -27.76 11.64
C VAL C 96 29.42 -26.89 11.18
N VAL C 97 28.35 -26.84 11.98
CA VAL C 97 27.13 -26.14 11.59
C VAL C 97 26.90 -24.98 12.59
N VAL C 98 26.84 -23.77 12.03
CA VAL C 98 26.53 -22.52 12.75
C VAL C 98 25.21 -22.00 12.21
N GLY C 99 24.24 -21.81 13.13
CA GLY C 99 22.91 -21.35 12.74
C GLY C 99 22.45 -20.14 13.59
N HIS C 100 22.01 -19.08 12.91
CA HIS C 100 21.35 -17.93 13.53
C HIS C 100 19.85 -17.98 13.26
N ASP C 101 19.00 -17.77 14.29
CA ASP C 101 17.57 -17.51 14.04
C ASP C 101 16.98 -18.77 13.39
N TRP C 102 16.21 -18.69 12.31
CA TRP C 102 15.69 -19.90 11.66
C TRP C 102 16.80 -20.89 11.30
N GLY C 103 17.98 -20.41 10.89
CA GLY C 103 19.14 -21.23 10.63
C GLY C 103 19.58 -22.02 11.86
N GLY C 104 19.45 -21.39 13.04
CA GLY C 104 19.69 -22.08 14.31
C GLY C 104 18.63 -23.16 14.58
N ILE C 105 17.35 -22.85 14.34
CA ILE C 105 16.26 -23.81 14.58
C ILE C 105 16.50 -25.06 13.73
N ILE C 106 16.82 -24.82 12.44
CA ILE C 106 17.19 -25.87 11.50
C ILE C 106 18.39 -26.65 12.05
N SER C 107 19.44 -25.95 12.50
CA SER C 107 20.65 -26.53 13.02
C SER C 107 20.36 -27.44 14.22
N TRP C 108 19.54 -26.97 15.17
CA TRP C 108 19.15 -27.80 16.30
C TRP C 108 18.50 -29.09 15.80
N THR C 109 17.62 -28.97 14.77
CA THR C 109 16.85 -30.10 14.24
C THR C 109 17.77 -31.11 13.54
N LEU C 110 18.69 -30.61 12.69
CA LEU C 110 19.66 -31.42 11.96
C LEU C 110 20.50 -32.20 12.97
N THR C 111 21.05 -31.50 13.97
CA THR C 111 21.93 -32.08 14.97
C THR C 111 21.23 -33.15 15.80
N ALA C 112 19.96 -32.91 16.18
CA ALA C 112 19.21 -33.83 16.99
C ALA C 112 18.92 -35.13 16.22
N PHE C 113 18.44 -35.00 14.97
CA PHE C 113 17.92 -36.11 14.20
C PHE C 113 18.99 -36.78 13.32
N ASN C 114 20.15 -36.11 13.10
CA ASN C 114 21.23 -36.62 12.24
C ASN C 114 22.58 -36.27 12.84
N PRO C 115 22.90 -36.70 14.08
CA PRO C 115 24.09 -36.21 14.75
C PRO C 115 25.38 -36.63 14.05
N GLN C 116 25.34 -37.74 13.32
CA GLN C 116 26.50 -38.27 12.60
C GLN C 116 26.95 -37.26 11.53
N ALA C 117 26.04 -36.36 11.09
CA ALA C 117 26.31 -35.39 10.02
C ALA C 117 26.84 -34.06 10.54
N VAL C 118 26.96 -33.91 11.88
CA VAL C 118 27.35 -32.63 12.46
C VAL C 118 28.54 -32.84 13.40
N GLU C 119 29.66 -32.18 13.11
CA GLU C 119 30.88 -32.32 13.91
C GLU C 119 30.77 -31.54 15.20
N LYS C 120 30.47 -30.24 15.05
CA LYS C 120 30.19 -29.36 16.19
C LYS C 120 29.04 -28.44 15.79
N LEU C 121 28.26 -28.01 16.78
CA LEU C 121 27.07 -27.17 16.59
C LEU C 121 27.33 -25.83 17.25
N VAL C 122 27.09 -24.72 16.51
CA VAL C 122 27.05 -23.38 17.08
C VAL C 122 25.68 -22.75 16.80
N ILE C 123 25.04 -22.27 17.87
CA ILE C 123 23.75 -21.58 17.80
C ILE C 123 23.96 -20.12 18.18
N LEU C 124 23.48 -19.18 17.34
CA LEU C 124 23.33 -17.76 17.70
C LEU C 124 21.85 -17.43 17.79
N ASN C 125 21.37 -17.06 19.01
CA ASN C 125 20.05 -16.45 19.19
C ASN C 125 18.95 -17.23 18.45
N ALA C 126 18.87 -18.54 18.72
CA ALA C 126 17.81 -19.41 18.18
C ALA C 126 17.38 -20.33 19.30
N PRO C 127 16.09 -20.32 19.71
CA PRO C 127 15.65 -21.17 20.81
C PRO C 127 15.64 -22.61 20.29
N HIS C 128 15.97 -23.57 21.17
CA HIS C 128 15.78 -24.98 20.91
C HIS C 128 14.30 -25.20 20.60
N PRO C 129 13.93 -25.90 19.51
CA PRO C 129 12.54 -26.06 19.15
C PRO C 129 11.66 -26.60 20.28
N LYS C 130 12.15 -27.56 21.09
CA LYS C 130 11.35 -28.17 22.14
C LYS C 130 11.18 -27.18 23.29
N ALA C 131 12.22 -26.41 23.62
CA ALA C 131 12.10 -25.31 24.56
C ALA C 131 10.98 -24.36 24.14
N TYR C 132 11.00 -23.91 22.86
CA TYR C 132 10.00 -23.01 22.33
C TYR C 132 8.61 -23.65 22.45
N MET C 133 8.43 -24.87 21.94
CA MET C 133 7.13 -25.54 21.89
CA MET C 133 7.13 -25.52 21.89
C MET C 133 6.59 -25.78 23.31
N THR C 134 7.46 -26.07 24.28
CA THR C 134 7.07 -26.34 25.67
C THR C 134 6.71 -25.04 26.39
N ARG C 135 7.61 -24.05 26.34
CA ARG C 135 7.62 -22.95 27.31
C ARG C 135 6.75 -21.77 26.84
N THR C 136 6.62 -21.56 25.53
CA THR C 136 6.00 -20.36 24.95
C THR C 136 4.57 -20.20 25.48
N LYS C 137 3.73 -21.24 25.35
CA LYS C 137 2.33 -21.17 25.78
C LYS C 137 2.18 -20.89 27.30
N ASN C 138 3.25 -21.07 28.08
CA ASN C 138 3.26 -20.82 29.51
C ASN C 138 3.94 -19.49 29.86
N SER C 139 4.36 -18.72 28.86
CA SER C 139 5.05 -17.45 29.13
C SER C 139 4.26 -16.32 28.42
N LEU C 140 3.53 -15.52 29.21
CA LEU C 140 2.85 -14.34 28.69
C LEU C 140 3.86 -13.44 27.96
N ARG C 141 5.03 -13.26 28.57
CA ARG C 141 6.09 -12.44 28.01
CA ARG C 141 6.13 -12.47 28.03
C ARG C 141 6.53 -12.96 26.64
N GLN C 142 6.71 -14.29 26.49
CA GLN C 142 7.11 -14.81 25.18
C GLN C 142 5.96 -14.64 24.17
N LEU C 143 4.71 -14.92 24.56
CA LEU C 143 3.59 -14.82 23.62
C LEU C 143 3.47 -13.38 23.11
N GLN C 144 3.71 -12.41 24.01
CA GLN C 144 3.69 -10.99 23.70
C GLN C 144 4.80 -10.68 22.70
N LYS C 145 6.01 -11.18 22.92
CA LYS C 145 7.17 -10.96 22.05
C LYS C 145 6.93 -11.61 20.68
N SER C 146 6.12 -12.68 20.67
CA SER C 146 5.78 -13.41 19.48
C SER C 146 4.51 -12.89 18.77
N TRP C 147 4.06 -11.66 19.09
CA TRP C 147 2.92 -11.05 18.38
C TRP C 147 3.06 -11.22 16.87
N TYR C 148 4.27 -10.98 16.33
CA TYR C 148 4.49 -10.92 14.87
C TYR C 148 4.38 -12.34 14.28
N VAL C 149 4.71 -13.39 15.08
CA VAL C 149 4.53 -14.77 14.64
C VAL C 149 3.05 -15.04 14.31
N PHE C 150 2.12 -14.54 15.13
CA PHE C 150 0.69 -14.63 14.91
C PHE C 150 0.25 -13.78 13.71
N PHE C 151 0.78 -12.55 13.63
CA PHE C 151 0.55 -11.66 12.49
C PHE C 151 0.86 -12.42 11.19
N PHE C 152 2.02 -13.11 11.14
CA PHE C 152 2.51 -13.76 9.91
C PHE C 152 1.67 -14.95 9.46
N GLN C 153 0.78 -15.47 10.33
CA GLN C 153 -0.11 -16.58 9.99
C GLN C 153 -1.11 -16.19 8.89
N VAL C 154 -1.56 -14.95 8.86
CA VAL C 154 -2.63 -14.50 7.95
C VAL C 154 -2.06 -14.48 6.53
N ALA C 155 -2.82 -14.96 5.54
CA ALA C 155 -2.41 -14.94 4.14
C ALA C 155 -2.45 -13.51 3.57
N ASN C 156 -1.45 -13.23 2.70
CA ASN C 156 -1.37 -12.07 1.80
C ASN C 156 -1.14 -10.75 2.50
N ILE C 157 -1.90 -10.47 3.59
CA ILE C 157 -1.87 -9.15 4.19
CA ILE C 157 -1.87 -9.15 4.22
C ILE C 157 -0.46 -8.84 4.74
N PRO C 158 0.24 -9.80 5.42
CA PRO C 158 1.58 -9.52 5.91
C PRO C 158 2.59 -9.28 4.78
N GLU C 159 2.55 -10.05 3.70
CA GLU C 159 3.35 -9.76 2.52
C GLU C 159 3.15 -8.30 2.09
N LYS C 160 1.89 -7.88 1.94
CA LYS C 160 1.59 -6.52 1.49
CA LYS C 160 1.59 -6.52 1.49
C LYS C 160 2.20 -5.51 2.47
N ILE C 161 1.96 -5.67 3.76
CA ILE C 161 2.40 -4.68 4.75
C ILE C 161 3.92 -4.61 4.85
N LEU C 162 4.58 -5.78 4.86
CA LEU C 162 6.03 -5.83 4.96
C LEU C 162 6.75 -5.23 3.71
N SER C 163 6.20 -5.44 2.51
CA SER C 163 6.87 -5.06 1.25
C SER C 163 6.55 -3.63 0.78
N ARG C 164 5.37 -3.08 1.14
CA ARG C 164 4.95 -1.78 0.64
CA ARG C 164 4.94 -1.76 0.68
C ARG C 164 5.99 -0.71 1.03
N ASN C 165 6.09 0.34 0.19
CA ASN C 165 7.01 1.47 0.43
C ASN C 165 8.44 0.98 0.51
N GLU C 166 8.83 0.09 -0.41
CA GLU C 166 10.19 -0.43 -0.49
CA GLU C 166 10.21 -0.39 -0.48
C GLU C 166 10.61 -1.08 0.85
N PHE C 167 9.69 -1.90 1.41
CA PHE C 167 9.97 -2.72 2.59
C PHE C 167 10.27 -1.86 3.81
N ALA C 168 9.60 -0.70 3.94
CA ALA C 168 9.87 0.23 5.02
C ALA C 168 9.55 -0.43 6.38
N PHE C 169 8.45 -1.18 6.44
CA PHE C 169 8.04 -1.85 7.67
C PHE C 169 9.14 -2.82 8.15
N LEU C 170 9.66 -3.62 7.20
CA LEU C 170 10.70 -4.61 7.48
C LEU C 170 12.02 -3.95 7.89
N LYS C 171 12.45 -2.88 7.18
CA LYS C 171 13.61 -2.09 7.56
C LYS C 171 13.47 -1.58 8.99
N ASN C 172 12.29 -1.06 9.33
CA ASN C 172 12.02 -0.56 10.67
C ASN C 172 12.14 -1.66 11.73
N MET C 173 11.47 -2.83 11.50
CA MET C 173 11.51 -3.98 12.40
C MET C 173 12.97 -4.35 12.68
N LEU C 174 13.78 -4.38 11.61
CA LEU C 174 15.20 -4.74 11.67
C LEU C 174 15.96 -3.71 12.49
N ILE C 175 15.89 -2.42 12.10
CA ILE C 175 16.66 -1.35 12.74
C ILE C 175 16.28 -1.19 14.22
N GLN C 176 14.99 -1.32 14.58
CA GLN C 176 14.52 -1.36 15.96
C GLN C 176 15.22 -2.45 16.79
N SER C 177 15.67 -3.54 16.16
CA SER C 177 16.17 -4.73 16.85
C SER C 177 17.66 -4.61 17.18
N PHE C 178 18.37 -3.72 16.47
CA PHE C 178 19.79 -3.50 16.71
C PHE C 178 19.99 -2.67 17.97
N VAL C 179 21.06 -2.98 18.74
CA VAL C 179 21.50 -2.17 19.89
C VAL C 179 22.39 -1.01 19.44
N ARG C 180 22.97 -1.08 18.23
CA ARG C 180 23.83 -0.03 17.69
CA ARG C 180 23.82 -0.02 17.70
C ARG C 180 23.12 0.63 16.53
N ARG C 181 23.19 1.96 16.47
CA ARG C 181 22.59 2.73 15.40
C ARG C 181 23.56 2.72 14.22
N ASP C 182 23.06 3.06 13.02
CA ASP C 182 23.87 3.18 11.82
C ASP C 182 24.64 1.89 11.58
N LEU C 183 24.01 0.72 11.91
CA LEU C 183 24.61 -0.60 11.76
C LEU C 183 24.64 -1.02 10.29
N LEU C 184 23.56 -0.72 9.54
CA LEU C 184 23.45 -0.97 8.10
C LEU C 184 23.72 0.34 7.34
N THR C 185 24.65 0.29 6.39
CA THR C 185 24.93 1.38 5.45
C THR C 185 23.79 1.46 4.44
N GLU C 186 23.71 2.59 3.71
CA GLU C 186 22.81 2.80 2.59
C GLU C 186 22.96 1.65 1.59
N GLU C 187 24.21 1.24 1.39
CA GLU C 187 24.57 0.19 0.45
C GLU C 187 23.99 -1.15 0.91
N ASP C 188 24.22 -1.47 2.20
CA ASP C 188 23.68 -2.65 2.86
C ASP C 188 22.18 -2.79 2.58
N LEU C 189 21.42 -1.70 2.83
CA LEU C 189 19.97 -1.71 2.74
C LEU C 189 19.53 -1.97 1.31
N ARG C 190 20.35 -1.55 0.35
CA ARG C 190 20.02 -1.72 -1.05
C ARG C 190 20.19 -3.20 -1.42
N ILE C 191 21.24 -3.83 -0.88
CA ILE C 191 21.52 -5.26 -1.04
C ILE C 191 20.42 -6.12 -0.38
N TYR C 192 20.01 -5.76 0.85
CA TYR C 192 18.88 -6.40 1.53
C TYR C 192 17.60 -6.33 0.67
N VAL C 193 17.29 -5.14 0.12
CA VAL C 193 16.06 -4.95 -0.63
C VAL C 193 16.06 -5.83 -1.87
N ASP C 194 17.23 -5.99 -2.52
CA ASP C 194 17.29 -6.83 -3.72
C ASP C 194 16.90 -8.27 -3.39
N ALA C 195 17.46 -8.80 -2.29
CA ALA C 195 17.17 -10.13 -1.76
C ALA C 195 15.69 -10.29 -1.40
N TRP C 196 15.13 -9.26 -0.71
CA TRP C 196 13.74 -9.28 -0.24
C TRP C 196 12.78 -9.32 -1.42
N SER C 197 13.20 -8.64 -2.51
CA SER C 197 12.33 -8.36 -3.65
C SER C 197 12.21 -9.54 -4.58
N LYS C 198 13.11 -10.55 -4.46
CA LYS C 198 13.11 -11.68 -5.37
C LYS C 198 11.71 -12.29 -5.35
N SER C 199 11.22 -12.62 -6.55
CA SER C 199 9.85 -13.07 -6.73
C SER C 199 9.62 -14.32 -5.87
N GLY C 200 8.62 -14.23 -4.98
CA GLY C 200 8.18 -15.30 -4.10
C GLY C 200 8.97 -15.45 -2.79
N ALA C 201 9.98 -14.58 -2.54
CA ALA C 201 10.90 -14.72 -1.43
C ALA C 201 10.17 -14.44 -0.13
N LEU C 202 9.34 -13.35 -0.10
CA LEU C 202 8.74 -12.91 1.14
C LEU C 202 7.69 -13.91 1.57
N THR C 203 6.88 -14.44 0.63
CA THR C 203 5.91 -15.45 0.98
C THR C 203 6.60 -16.69 1.57
N SER C 204 7.70 -17.09 0.91
CA SER C 204 8.45 -18.30 1.23
C SER C 204 9.01 -18.18 2.66
N ALA C 205 9.63 -17.01 2.97
CA ALA C 205 10.16 -16.71 4.28
C ALA C 205 9.07 -16.78 5.36
N LEU C 206 7.89 -16.20 5.11
CA LEU C 206 6.78 -16.18 6.05
C LEU C 206 6.20 -17.59 6.22
N ASN C 207 6.27 -18.43 5.19
CA ASN C 207 5.81 -19.82 5.26
C ASN C 207 6.54 -20.59 6.37
N TYR C 208 7.75 -20.18 6.77
CA TYR C 208 8.43 -20.85 7.88
C TYR C 208 7.58 -20.76 9.15
N TYR C 209 6.92 -19.61 9.38
CA TYR C 209 6.12 -19.35 10.56
C TYR C 209 4.79 -20.09 10.43
N ARG C 210 4.25 -20.15 9.21
CA ARG C 210 2.95 -20.74 8.93
C ARG C 210 3.07 -22.26 9.09
N ALA C 211 4.19 -22.86 8.62
CA ALA C 211 4.44 -24.28 8.71
C ALA C 211 4.81 -24.73 10.13
N ASN C 212 5.60 -23.94 10.87
CA ASN C 212 6.27 -24.48 12.06
C ASN C 212 5.85 -23.81 13.35
N LEU C 213 5.17 -22.63 13.28
CA LEU C 213 4.85 -21.89 14.49
C LEU C 213 3.42 -21.34 14.41
N ASN C 214 2.54 -22.04 13.69
CA ASN C 214 1.10 -21.75 13.69
C ASN C 214 0.56 -22.01 15.10
N PRO C 215 -0.66 -21.50 15.44
CA PRO C 215 -1.20 -21.67 16.79
C PRO C 215 -1.44 -23.11 17.25
N ASP C 216 -1.77 -24.02 16.32
CA ASP C 216 -1.90 -25.44 16.61
C ASP C 216 -0.64 -26.02 17.22
N ILE C 217 0.53 -25.69 16.67
CA ILE C 217 1.81 -26.17 17.17
C ILE C 217 2.14 -25.50 18.51
N ILE C 218 1.95 -24.18 18.60
CA ILE C 218 2.30 -23.42 19.79
C ILE C 218 1.44 -23.91 20.97
N PHE C 219 0.14 -24.17 20.74
CA PHE C 219 -0.78 -24.54 21.82
C PHE C 219 -1.07 -26.06 21.84
N SER C 220 -0.27 -26.85 21.13
CA SER C 220 -0.34 -28.32 21.13
C SER C 220 -0.35 -28.85 22.55
N GLU C 221 -1.24 -29.83 22.75
CA GLU C 221 -1.33 -30.61 23.96
C GLU C 221 -0.30 -31.75 23.88
N LYS C 222 0.05 -32.21 22.65
CA LYS C 222 0.95 -33.35 22.48
C LYS C 222 2.35 -32.92 22.88
N THR C 223 3.09 -33.82 23.52
CA THR C 223 4.51 -33.57 23.79
C THR C 223 5.32 -33.79 22.49
N VAL C 224 6.42 -33.04 22.33
CA VAL C 224 7.20 -33.06 21.09
C VAL C 224 8.35 -34.05 21.24
N VAL C 225 8.51 -34.97 20.24
CA VAL C 225 9.57 -35.96 20.26
C VAL C 225 10.82 -35.31 19.67
N PHE C 226 11.89 -35.22 20.48
CA PHE C 226 13.10 -34.52 20.07
C PHE C 226 14.30 -35.15 20.75
N PRO C 227 15.18 -35.90 20.05
CA PRO C 227 16.34 -36.52 20.68
C PRO C 227 17.24 -35.47 21.31
N LYS C 228 17.96 -35.83 22.37
CA LYS C 228 18.99 -34.98 22.95
C LYS C 228 20.11 -34.72 21.93
N ILE C 229 20.78 -33.58 22.07
CA ILE C 229 21.93 -33.19 21.27
C ILE C 229 23.13 -33.97 21.78
N LYS C 230 23.81 -34.69 20.86
CA LYS C 230 24.91 -35.58 21.19
C LYS C 230 26.21 -35.11 20.56
N VAL C 231 26.24 -33.85 20.09
CA VAL C 231 27.43 -33.24 19.53
C VAL C 231 27.85 -32.02 20.35
N PRO C 232 29.16 -31.76 20.56
CA PRO C 232 29.56 -30.61 21.40
C PRO C 232 28.93 -29.33 20.81
N THR C 233 28.40 -28.46 21.69
CA THR C 233 27.55 -27.34 21.31
C THR C 233 28.01 -26.03 21.98
N LEU C 234 28.11 -24.96 21.17
CA LEU C 234 28.28 -23.59 21.66
C LEU C 234 27.06 -22.73 21.29
N VAL C 235 26.46 -22.10 22.31
CA VAL C 235 25.38 -21.13 22.16
C VAL C 235 25.99 -19.75 22.41
N ILE C 236 25.91 -18.86 21.39
CA ILE C 236 26.20 -17.43 21.51
C ILE C 236 24.85 -16.69 21.59
N TRP C 237 24.71 -15.78 22.55
CA TRP C 237 23.41 -15.21 22.91
C TRP C 237 23.49 -13.72 23.29
N GLY C 238 23.09 -12.83 22.37
CA GLY C 238 22.84 -11.41 22.65
C GLY C 238 21.61 -11.29 23.55
N GLU C 239 21.79 -10.76 24.78
CA GLU C 239 20.75 -10.83 25.79
C GLU C 239 19.62 -9.81 25.55
N LYS C 240 19.85 -8.77 24.72
CA LYS C 240 18.83 -7.76 24.46
C LYS C 240 17.98 -8.17 23.26
N ASP C 241 17.41 -9.39 23.30
CA ASP C 241 16.71 -9.95 22.14
C ASP C 241 15.25 -9.60 22.31
N VAL C 242 14.68 -8.84 21.39
CA VAL C 242 13.28 -8.39 21.44
C VAL C 242 12.34 -9.56 21.10
N ALA C 243 12.87 -10.59 20.42
CA ALA C 243 12.11 -11.68 19.82
C ALA C 243 12.02 -12.85 20.79
N ILE C 244 13.03 -13.00 21.69
CA ILE C 244 13.14 -14.19 22.52
C ILE C 244 13.35 -13.80 23.99
N SER C 245 12.45 -14.28 24.88
CA SER C 245 12.57 -14.20 26.33
C SER C 245 13.65 -15.15 26.85
N LYS C 246 14.36 -14.73 27.91
CA LYS C 246 15.40 -15.54 28.54
C LYS C 246 14.80 -16.82 29.12
N ASP C 247 13.47 -16.79 29.39
CA ASP C 247 12.67 -17.97 29.75
C ASP C 247 12.98 -19.16 28.81
N LEU C 248 13.31 -18.87 27.54
CA LEU C 248 13.42 -19.87 26.50
C LEU C 248 14.85 -20.42 26.35
N ILE C 249 15.85 -19.83 27.02
CA ILE C 249 17.24 -20.24 26.82
C ILE C 249 17.86 -20.83 28.09
N VAL C 250 17.22 -20.61 29.26
CA VAL C 250 17.70 -21.17 30.50
C VAL C 250 17.51 -22.69 30.45
N ASN C 251 18.41 -23.43 31.12
CA ASN C 251 18.19 -24.85 31.36
C ASN C 251 18.21 -25.64 30.06
N MET C 252 19.23 -25.38 29.22
CA MET C 252 19.45 -26.11 27.99
CA MET C 252 19.39 -26.12 27.98
C MET C 252 19.94 -27.52 28.27
N GLU C 253 20.41 -27.77 29.49
CA GLU C 253 20.95 -29.07 29.92
C GLU C 253 19.92 -30.15 29.68
N ASP C 254 18.61 -29.88 29.82
CA ASP C 254 17.62 -30.93 29.58
C ASP C 254 17.64 -31.45 28.13
N PHE C 255 18.27 -30.66 27.22
CA PHE C 255 18.17 -30.91 25.79
C PHE C 255 19.49 -31.37 25.20
N ILE C 256 20.62 -31.17 25.91
CA ILE C 256 21.97 -31.43 25.42
C ILE C 256 22.66 -32.44 26.36
N GLU C 257 23.05 -33.61 25.83
CA GLU C 257 23.82 -34.63 26.53
C GLU C 257 25.33 -34.36 26.38
N ALA C 258 25.78 -33.95 25.17
CA ALA C 258 27.17 -33.68 24.89
C ALA C 258 27.61 -32.42 25.61
N PRO C 259 28.94 -32.17 25.75
CA PRO C 259 29.43 -30.94 26.35
C PRO C 259 28.82 -29.71 25.67
N TYR C 260 28.55 -28.70 26.49
CA TYR C 260 27.70 -27.57 26.14
C TYR C 260 28.33 -26.33 26.78
N SER C 261 28.32 -25.20 26.09
CA SER C 261 28.66 -23.94 26.75
C SER C 261 27.91 -22.77 26.12
N ILE C 262 27.55 -21.75 26.92
CA ILE C 262 26.80 -20.57 26.48
C ILE C 262 27.65 -19.35 26.76
N LYS C 263 27.96 -18.56 25.72
CA LYS C 263 28.58 -17.25 25.83
C LYS C 263 27.49 -16.17 25.68
N TYR C 264 27.17 -15.47 26.78
CA TYR C 264 26.22 -14.37 26.81
C TYR C 264 26.90 -13.06 26.40
N PHE C 265 26.25 -12.29 25.50
CA PHE C 265 26.70 -10.95 25.12
C PHE C 265 25.69 -9.94 25.65
N PRO C 266 25.87 -9.40 26.87
CA PRO C 266 24.80 -8.65 27.55
C PRO C 266 24.46 -7.32 26.86
N GLU C 267 25.31 -6.85 25.96
CA GLU C 267 25.19 -5.54 25.31
C GLU C 267 24.82 -5.69 23.84
N CYS C 268 24.56 -6.94 23.41
CA CYS C 268 24.08 -7.24 22.06
C CYS C 268 22.64 -7.73 22.12
N GLY C 269 21.99 -7.63 20.97
CA GLY C 269 20.65 -8.17 20.75
C GLY C 269 20.67 -9.34 19.77
N HIS C 270 19.57 -9.47 19.01
CA HIS C 270 19.29 -10.65 18.21
C HIS C 270 20.41 -10.88 17.19
N TRP C 271 20.91 -9.80 16.56
CA TRP C 271 21.91 -9.84 15.51
C TRP C 271 23.34 -9.67 16.08
N VAL C 272 23.68 -10.54 17.04
CA VAL C 272 24.94 -10.58 17.75
C VAL C 272 26.14 -10.62 16.80
N GLN C 273 26.03 -11.31 15.65
CA GLN C 273 27.14 -11.48 14.70
C GLN C 273 27.42 -10.19 13.91
N LEU C 274 26.45 -9.25 13.90
CA LEU C 274 26.63 -7.93 13.30
C LEU C 274 27.17 -6.91 14.33
N GLU C 275 26.86 -7.08 15.61
CA GLU C 275 27.10 -6.07 16.62
C GLU C 275 28.49 -6.22 17.25
N GLU C 276 28.94 -7.48 17.47
CA GLU C 276 30.29 -7.82 17.90
C GLU C 276 30.86 -8.84 16.93
N PRO C 277 31.05 -8.47 15.66
CA PRO C 277 31.47 -9.42 14.63
C PRO C 277 32.78 -10.14 14.91
N GLU C 278 33.73 -9.45 15.59
CA GLU C 278 35.06 -10.01 15.76
C GLU C 278 35.06 -10.97 16.94
N LEU C 279 34.38 -10.60 18.03
CA LEU C 279 34.28 -11.48 19.19
C LEU C 279 33.53 -12.78 18.84
N VAL C 280 32.47 -12.70 18.04
CA VAL C 280 31.71 -13.84 17.58
C VAL C 280 32.62 -14.75 16.74
N ARG C 281 33.33 -14.15 15.80
CA ARG C 281 34.26 -14.89 14.95
C ARG C 281 35.28 -15.65 15.82
N LYS C 282 35.81 -14.97 16.84
CA LYS C 282 36.77 -15.55 17.77
C LYS C 282 36.19 -16.75 18.51
N HIS C 283 35.03 -16.58 19.17
CA HIS C 283 34.37 -17.62 19.93
C HIS C 283 34.11 -18.86 19.06
N ILE C 284 33.81 -18.65 17.77
CA ILE C 284 33.54 -19.72 16.82
C ILE C 284 34.83 -20.47 16.50
N GLU C 285 35.88 -19.73 16.11
CA GLU C 285 37.21 -20.29 15.79
C GLU C 285 37.75 -21.13 16.94
N GLU C 286 37.84 -20.52 18.14
CA GLU C 286 38.38 -21.15 19.33
C GLU C 286 37.63 -22.45 19.64
N PHE C 287 36.30 -22.42 19.54
CA PHE C 287 35.47 -23.59 19.79
C PHE C 287 35.85 -24.74 18.87
N ILE C 288 35.97 -24.47 17.56
CA ILE C 288 36.25 -25.50 16.57
C ILE C 288 37.68 -26.02 16.71
N LEU C 289 38.67 -25.11 16.81
CA LEU C 289 40.08 -25.44 16.83
C LEU C 289 40.56 -25.88 18.21
N LYS C 290 39.77 -25.68 19.27
CA LYS C 290 40.20 -26.05 20.61
C LYS C 290 40.55 -27.53 20.62
N SER C 291 41.79 -27.86 21.06
CA SER C 291 42.33 -29.21 21.17
C SER C 291 42.26 -29.68 22.63
N ASP C 292 41.04 -30.07 23.04
CA ASP C 292 40.73 -30.45 24.42
C ASP C 292 41.52 -31.70 24.78
N ILE C 293 41.86 -31.85 26.07
CA ILE C 293 42.51 -33.04 26.59
C ILE C 293 41.51 -34.21 26.57
N HIS C 294 41.97 -35.41 26.14
CA HIS C 294 41.26 -36.68 26.30
C HIS C 294 41.91 -37.56 27.40
N HIS C 295 41.15 -38.57 27.90
CA HIS C 295 41.65 -39.61 28.80
C HIS C 295 42.06 -40.88 28.00
N GLU D 3 -39.81 -5.59 43.04
CA GLU D 3 -38.64 -4.82 42.42
C GLU D 3 -37.37 -5.70 42.42
N MET D 4 -37.13 -6.37 41.28
CA MET D 4 -35.96 -7.21 41.11
C MET D 4 -35.44 -7.13 39.67
N LEU D 5 -34.31 -7.81 39.45
CA LEU D 5 -33.62 -7.91 38.18
C LEU D 5 -34.48 -8.72 37.21
N LYS D 6 -34.91 -8.10 36.09
CA LYS D 6 -35.79 -8.71 35.10
CA LYS D 6 -35.80 -8.68 35.10
C LYS D 6 -35.01 -8.89 33.80
N HIS D 7 -35.22 -10.03 33.11
CA HIS D 7 -34.68 -10.38 31.80
C HIS D 7 -35.70 -10.05 30.72
N GLU D 8 -35.26 -9.49 29.57
CA GLU D 8 -36.13 -9.14 28.45
C GLU D 8 -35.39 -9.36 27.13
N TYR D 9 -36.16 -9.40 26.04
CA TYR D 9 -35.71 -9.46 24.65
C TYR D 9 -36.42 -8.37 23.88
N VAL D 10 -35.73 -7.74 22.93
CA VAL D 10 -36.30 -6.68 22.11
C VAL D 10 -35.61 -6.71 20.75
N LYS D 11 -36.38 -6.50 19.67
CA LYS D 11 -35.89 -6.43 18.31
C LYS D 11 -35.35 -5.02 18.10
N VAL D 12 -34.11 -4.94 17.59
CA VAL D 12 -33.39 -3.70 17.33
CA VAL D 12 -33.42 -3.69 17.31
C VAL D 12 -32.61 -3.91 16.04
N ASN D 13 -32.75 -2.99 15.07
CA ASN D 13 -31.84 -2.99 13.92
C ASN D 13 -31.81 -4.40 13.29
N GLY D 14 -32.95 -5.11 13.24
CA GLY D 14 -33.05 -6.45 12.65
C GLY D 14 -32.50 -7.62 13.48
N ILE D 15 -31.97 -7.42 14.70
CA ILE D 15 -31.55 -8.55 15.56
C ILE D 15 -32.36 -8.49 16.86
N LYS D 16 -32.52 -9.66 17.50
CA LYS D 16 -33.11 -9.74 18.83
C LYS D 16 -32.00 -9.66 19.87
N MET D 17 -32.15 -8.74 20.82
CA MET D 17 -31.16 -8.49 21.86
CA MET D 17 -31.15 -8.49 21.86
C MET D 17 -31.77 -8.81 23.22
N HIS D 18 -31.08 -9.66 24.02
CA HIS D 18 -31.38 -9.91 25.42
C HIS D 18 -30.77 -8.79 26.27
N TYR D 19 -31.44 -8.43 27.37
CA TYR D 19 -30.92 -7.52 28.38
C TYR D 19 -31.55 -7.85 29.73
N VAL D 20 -30.83 -7.51 30.80
CA VAL D 20 -31.34 -7.43 32.15
C VAL D 20 -31.59 -5.96 32.48
N THR D 21 -32.61 -5.70 33.31
CA THR D 21 -32.99 -4.35 33.72
C THR D 21 -33.46 -4.35 35.16
N GLN D 22 -33.21 -3.25 35.86
CA GLN D 22 -33.67 -2.99 37.23
C GLN D 22 -33.64 -1.48 37.43
N GLY D 23 -34.64 -0.96 38.16
CA GLY D 23 -34.69 0.45 38.53
C GLY D 23 -35.55 1.24 37.53
N LYS D 24 -35.83 2.51 37.88
CA LYS D 24 -36.55 3.47 37.04
C LYS D 24 -35.83 4.82 37.17
N GLY D 25 -36.11 5.73 36.21
CA GLY D 25 -35.38 6.99 36.11
C GLY D 25 -34.86 7.18 34.68
N LYS D 26 -33.78 7.96 34.52
CA LYS D 26 -33.02 8.04 33.26
C LYS D 26 -32.49 6.65 32.88
N LEU D 27 -32.54 6.35 31.56
CA LEU D 27 -31.92 5.17 30.98
C LEU D 27 -30.40 5.23 31.15
N LEU D 28 -29.85 4.22 31.84
CA LEU D 28 -28.41 4.05 32.00
C LEU D 28 -28.04 2.70 31.38
N LEU D 29 -27.30 2.72 30.24
CA LEU D 29 -26.81 1.53 29.57
C LEU D 29 -25.46 1.13 30.15
N LEU D 30 -25.30 -0.15 30.47
CA LEU D 30 -24.00 -0.73 30.82
C LEU D 30 -23.64 -1.75 29.73
N LEU D 31 -22.55 -1.52 28.99
CA LEU D 31 -22.15 -2.38 27.87
C LEU D 31 -20.85 -3.11 28.19
N HIS D 32 -20.91 -4.46 28.18
CA HIS D 32 -19.76 -5.34 28.47
C HIS D 32 -18.85 -5.47 27.24
N GLY D 33 -17.72 -6.20 27.39
CA GLY D 33 -16.86 -6.58 26.27
C GLY D 33 -16.48 -8.07 26.32
N PHE D 34 -15.28 -8.42 25.84
CA PHE D 34 -14.84 -9.80 25.70
C PHE D 34 -14.03 -10.22 26.95
N PRO D 35 -14.20 -11.44 27.51
CA PRO D 35 -15.21 -12.40 27.08
C PRO D 35 -16.36 -12.43 28.11
N ASP D 36 -17.08 -11.31 28.21
CA ASP D 36 -18.09 -11.11 29.24
C ASP D 36 -19.49 -11.20 28.64
N PHE D 37 -20.49 -10.75 29.40
CA PHE D 37 -21.90 -10.57 29.01
C PHE D 37 -22.49 -9.65 30.08
N TRP D 38 -23.82 -9.50 30.18
CA TRP D 38 -24.42 -8.60 31.15
C TRP D 38 -23.87 -8.83 32.55
N TYR D 39 -23.51 -10.10 32.87
CA TYR D 39 -23.20 -10.53 34.24
C TYR D 39 -21.94 -9.84 34.79
N VAL D 40 -21.06 -9.31 33.91
CA VAL D 40 -19.89 -8.55 34.39
C VAL D 40 -20.32 -7.34 35.23
N TRP D 41 -21.56 -6.85 35.03
CA TRP D 41 -22.08 -5.68 35.73
C TRP D 41 -22.84 -6.01 37.04
N ARG D 42 -22.74 -7.26 37.51
CA ARG D 42 -23.44 -7.83 38.67
C ARG D 42 -23.29 -6.98 39.94
N PHE D 43 -22.12 -6.39 40.19
CA PHE D 43 -21.85 -5.61 41.38
C PHE D 43 -22.27 -4.13 41.21
N GLN D 44 -22.66 -3.67 40.01
CA GLN D 44 -23.08 -2.29 39.82
C GLN D 44 -24.60 -2.18 39.59
N ILE D 45 -25.25 -3.20 39.03
CA ILE D 45 -26.66 -3.13 38.66
C ILE D 45 -27.52 -2.77 39.87
N PRO D 46 -27.47 -3.51 41.00
CA PRO D 46 -28.33 -3.19 42.16
C PRO D 46 -28.14 -1.77 42.68
N ALA D 47 -26.90 -1.34 42.95
CA ALA D 47 -26.62 0.00 43.48
C ALA D 47 -27.12 1.12 42.54
N LEU D 48 -26.83 0.98 41.24
CA LEU D 48 -27.20 1.99 40.26
C LEU D 48 -28.71 2.03 40.05
N ALA D 49 -29.37 0.88 40.23
CA ALA D 49 -30.82 0.75 40.07
C ALA D 49 -31.60 1.54 41.13
N LYS D 50 -30.92 2.04 42.16
CA LYS D 50 -31.52 2.90 43.17
C LYS D 50 -31.87 4.26 42.58
N HIS D 51 -31.11 4.71 41.57
CA HIS D 51 -31.22 6.06 41.01
C HIS D 51 -31.64 6.06 39.53
N PHE D 52 -31.47 4.94 38.80
CA PHE D 52 -31.59 4.93 37.35
C PHE D 52 -32.34 3.70 36.86
N ARG D 53 -32.88 3.79 35.63
CA ARG D 53 -33.33 2.66 34.86
C ARG D 53 -32.13 2.00 34.18
N VAL D 54 -31.50 1.04 34.89
CA VAL D 54 -30.32 0.30 34.45
C VAL D 54 -30.73 -0.73 33.40
N VAL D 55 -30.09 -0.67 32.22
CA VAL D 55 -30.23 -1.69 31.19
C VAL D 55 -28.83 -2.19 30.82
N ALA D 56 -28.60 -3.50 31.02
CA ALA D 56 -27.32 -4.13 30.68
C ALA D 56 -27.63 -5.18 29.63
N PRO D 57 -27.36 -4.92 28.32
CA PRO D 57 -27.60 -5.91 27.26
C PRO D 57 -26.41 -6.85 27.06
N ASP D 58 -26.70 -7.99 26.44
CA ASP D 58 -25.74 -8.84 25.74
C ASP D 58 -25.60 -8.27 24.33
N LEU D 59 -24.35 -7.92 23.96
CA LEU D 59 -24.07 -7.34 22.64
C LEU D 59 -24.32 -8.41 21.60
N ARG D 60 -24.46 -7.97 20.32
CA ARG D 60 -24.51 -8.87 19.18
C ARG D 60 -23.48 -9.99 19.34
N GLY D 61 -23.95 -11.25 19.28
CA GLY D 61 -23.14 -12.43 19.20
C GLY D 61 -22.94 -13.11 20.55
N TYR D 62 -23.31 -12.42 21.64
CA TYR D 62 -22.98 -12.89 22.98
C TYR D 62 -24.22 -13.48 23.65
N ASN D 63 -24.02 -14.52 24.47
CA ASN D 63 -24.99 -15.04 25.43
C ASN D 63 -26.36 -15.27 24.77
N GLU D 64 -27.37 -14.48 25.14
CA GLU D 64 -28.76 -14.71 24.76
C GLU D 64 -29.19 -13.87 23.57
N THR D 65 -28.32 -12.98 23.07
CA THR D 65 -28.60 -12.10 21.94
C THR D 65 -28.40 -12.88 20.64
N ASP D 66 -29.00 -12.43 19.53
CA ASP D 66 -28.82 -13.04 18.22
C ASP D 66 -27.34 -12.98 17.82
N LYS D 67 -26.96 -13.93 16.96
CA LYS D 67 -25.59 -14.18 16.54
C LYS D 67 -25.55 -14.33 15.03
N PRO D 68 -25.73 -13.24 14.25
CA PRO D 68 -25.66 -13.35 12.80
C PRO D 68 -24.30 -13.91 12.35
N GLU D 69 -24.29 -14.63 11.22
CA GLU D 69 -23.11 -15.30 10.68
C GLU D 69 -22.34 -14.33 9.80
N GLY D 70 -21.01 -14.43 9.80
CA GLY D 70 -20.15 -13.66 8.89
C GLY D 70 -19.48 -12.51 9.62
N VAL D 71 -18.18 -12.32 9.35
CA VAL D 71 -17.32 -11.33 9.98
C VAL D 71 -17.91 -9.95 9.78
N GLU D 72 -18.50 -9.70 8.61
CA GLU D 72 -18.92 -8.36 8.22
C GLU D 72 -20.09 -7.88 9.08
N ASN D 73 -20.79 -8.79 9.74
CA ASN D 73 -21.91 -8.44 10.64
C ASN D 73 -21.44 -7.95 12.01
N TYR D 74 -20.10 -7.81 12.18
CA TYR D 74 -19.50 -7.41 13.46
C TYR D 74 -18.70 -6.15 13.28
N ARG D 75 -18.85 -5.44 12.15
CA ARG D 75 -18.21 -4.14 11.99
CA ARG D 75 -18.25 -4.13 11.98
C ARG D 75 -18.74 -3.19 13.08
N LEU D 76 -17.86 -2.28 13.55
CA LEU D 76 -18.21 -1.30 14.57
C LEU D 76 -19.48 -0.49 14.26
N ASP D 77 -19.66 -0.08 12.99
CA ASP D 77 -20.80 0.75 12.60
CA ASP D 77 -20.80 0.75 12.60
C ASP D 77 -22.10 0.00 12.93
N LEU D 78 -22.16 -1.29 12.64
CA LEU D 78 -23.35 -2.10 12.94
C LEU D 78 -23.56 -2.25 14.44
N LEU D 79 -22.46 -2.36 15.22
CA LEU D 79 -22.60 -2.58 16.65
C LEU D 79 -23.11 -1.31 17.36
N ALA D 80 -22.62 -0.15 16.95
CA ALA D 80 -23.10 1.12 17.47
C ALA D 80 -24.57 1.33 17.09
N LYS D 81 -24.97 0.94 15.86
CA LYS D 81 -26.35 1.06 15.42
C LYS D 81 -27.27 0.19 16.26
N ASP D 82 -26.78 -0.98 16.71
CA ASP D 82 -27.53 -1.84 17.63
C ASP D 82 -27.90 -1.07 18.89
N ILE D 83 -26.96 -0.28 19.42
CA ILE D 83 -27.15 0.42 20.69
C ILE D 83 -28.08 1.63 20.47
N LEU D 84 -27.88 2.37 19.36
CA LEU D 84 -28.78 3.44 18.97
C LEU D 84 -30.22 2.90 18.87
N GLY D 85 -30.37 1.77 18.17
CA GLY D 85 -31.65 1.10 18.03
C GLY D 85 -32.25 0.68 19.38
N LEU D 86 -31.41 0.25 20.32
CA LEU D 86 -31.83 -0.19 21.64
C LEU D 86 -32.38 0.99 22.43
N ILE D 87 -31.74 2.15 22.35
CA ILE D 87 -32.19 3.33 23.07
C ILE D 87 -33.61 3.69 22.60
N LYS D 88 -33.82 3.68 21.29
CA LYS D 88 -35.08 3.95 20.62
C LYS D 88 -36.13 2.94 21.07
N ALA D 89 -35.82 1.63 20.97
CA ALA D 89 -36.76 0.56 21.25
C ALA D 89 -37.16 0.53 22.72
N LEU D 90 -36.36 1.11 23.61
CA LEU D 90 -36.69 1.27 25.02
C LEU D 90 -37.49 2.53 25.30
N GLY D 91 -37.93 3.23 24.23
CA GLY D 91 -38.81 4.39 24.27
C GLY D 91 -38.12 5.65 24.76
N GLU D 92 -36.83 5.82 24.47
CA GLU D 92 -36.07 6.97 24.96
C GLU D 92 -35.40 7.65 23.78
N GLU D 93 -34.97 8.90 24.00
CA GLU D 93 -34.25 9.70 23.02
C GLU D 93 -32.75 9.56 23.25
N HIS D 94 -32.33 9.47 24.52
CA HIS D 94 -30.92 9.40 24.87
C HIS D 94 -30.77 8.48 26.08
N ALA D 95 -29.51 8.13 26.40
CA ALA D 95 -29.16 7.40 27.62
C ALA D 95 -27.82 7.92 28.12
N VAL D 96 -27.57 7.72 29.43
CA VAL D 96 -26.20 7.69 29.92
C VAL D 96 -25.60 6.34 29.49
N VAL D 97 -24.43 6.35 28.83
CA VAL D 97 -23.84 5.13 28.29
C VAL D 97 -22.51 4.88 28.98
N VAL D 98 -22.42 3.69 29.62
CA VAL D 98 -21.20 3.19 30.25
C VAL D 98 -20.73 1.96 29.47
N GLY D 99 -19.47 1.98 29.00
CA GLY D 99 -18.92 0.89 28.20
C GLY D 99 -17.56 0.45 28.71
N HIS D 100 -17.40 -0.88 28.87
CA HIS D 100 -16.14 -1.52 29.21
C HIS D 100 -15.62 -2.25 27.96
N ASP D 101 -14.33 -2.15 27.63
CA ASP D 101 -13.72 -3.05 26.65
C ASP D 101 -14.41 -2.80 25.30
N TRP D 102 -14.86 -3.86 24.58
CA TRP D 102 -15.59 -3.66 23.32
C TRP D 102 -16.80 -2.76 23.50
N GLY D 103 -17.47 -2.86 24.67
CA GLY D 103 -18.60 -2.01 25.02
C GLY D 103 -18.21 -0.54 25.04
N GLY D 104 -16.99 -0.26 25.54
CA GLY D 104 -16.42 1.09 25.49
C GLY D 104 -16.13 1.55 24.06
N ILE D 105 -15.56 0.69 23.22
CA ILE D 105 -15.24 1.04 21.84
C ILE D 105 -16.53 1.43 21.11
N ILE D 106 -17.57 0.60 21.27
CA ILE D 106 -18.91 0.88 20.77
C ILE D 106 -19.39 2.22 21.31
N SER D 107 -19.29 2.43 22.63
CA SER D 107 -19.71 3.65 23.29
C SER D 107 -19.04 4.88 22.69
N TRP D 108 -17.71 4.84 22.51
CA TRP D 108 -17.00 5.94 21.87
C TRP D 108 -17.62 6.24 20.49
N THR D 109 -17.94 5.19 19.73
CA THR D 109 -18.43 5.28 18.34
C THR D 109 -19.84 5.91 18.33
N LEU D 110 -20.73 5.42 19.19
CA LEU D 110 -22.08 5.92 19.33
C LEU D 110 -22.05 7.41 19.71
N THR D 111 -21.25 7.76 20.72
CA THR D 111 -21.12 9.14 21.18
C THR D 111 -20.60 10.09 20.08
N ALA D 112 -19.58 9.63 19.32
CA ALA D 112 -18.97 10.46 18.27
C ALA D 112 -19.96 10.72 17.14
N PHE D 113 -20.64 9.66 16.66
CA PHE D 113 -21.47 9.74 15.46
C PHE D 113 -22.92 10.10 15.78
N ASN D 114 -23.37 9.96 17.05
CA ASN D 114 -24.77 10.18 17.43
C ASN D 114 -24.82 10.85 18.79
N PRO D 115 -24.23 12.05 18.95
CA PRO D 115 -24.13 12.68 20.27
C PRO D 115 -25.48 12.98 20.93
N GLN D 116 -26.52 13.19 20.11
CA GLN D 116 -27.87 13.49 20.60
C GLN D 116 -28.42 12.31 21.41
N ALA D 117 -27.91 11.08 21.14
CA ALA D 117 -28.40 9.85 21.73
C ALA D 117 -27.69 9.52 23.06
N VAL D 118 -26.67 10.33 23.44
CA VAL D 118 -25.86 10.04 24.60
C VAL D 118 -25.80 11.28 25.48
N GLU D 119 -26.31 11.17 26.71
CA GLU D 119 -26.37 12.30 27.64
C GLU D 119 -24.99 12.52 28.25
N LYS D 120 -24.42 11.44 28.80
CA LYS D 120 -23.07 11.44 29.32
C LYS D 120 -22.45 10.09 28.93
N LEU D 121 -21.13 10.10 28.74
CA LEU D 121 -20.34 8.94 28.34
C LEU D 121 -19.43 8.54 29.52
N VAL D 122 -19.46 7.26 29.90
CA VAL D 122 -18.47 6.66 30.78
C VAL D 122 -17.74 5.52 30.05
N ILE D 123 -16.41 5.54 30.08
CA ILE D 123 -15.54 4.53 29.49
C ILE D 123 -14.75 3.87 30.61
N LEU D 124 -14.75 2.51 30.68
CA LEU D 124 -13.82 1.73 31.52
C LEU D 124 -12.90 0.96 30.60
N ASN D 125 -11.58 1.24 30.67
CA ASN D 125 -10.55 0.41 30.05
C ASN D 125 -10.93 0.04 28.59
N ALA D 126 -11.18 1.07 27.77
CA ALA D 126 -11.46 0.92 26.35
C ALA D 126 -10.79 2.07 25.61
N PRO D 127 -9.83 1.80 24.70
CA PRO D 127 -9.12 2.88 24.01
C PRO D 127 -10.10 3.52 23.02
N HIS D 128 -9.99 4.85 22.80
CA HIS D 128 -10.69 5.53 21.71
C HIS D 128 -10.28 4.85 20.40
N PRO D 129 -11.22 4.47 19.51
CA PRO D 129 -10.86 3.77 18.26
C PRO D 129 -9.77 4.45 17.41
N LYS D 130 -9.79 5.79 17.32
CA LYS D 130 -8.83 6.51 16.51
C LYS D 130 -7.45 6.53 17.19
N ALA D 131 -7.43 6.66 18.51
CA ALA D 131 -6.22 6.48 19.30
C ALA D 131 -5.58 5.10 19.01
N TYR D 132 -6.39 4.03 19.06
CA TYR D 132 -5.92 2.67 18.80
C TYR D 132 -5.34 2.60 17.39
N MET D 133 -6.11 3.04 16.38
CA MET D 133 -5.73 2.92 14.98
CA MET D 133 -5.78 3.00 14.96
C MET D 133 -4.45 3.73 14.69
N THR D 134 -4.30 4.88 15.32
CA THR D 134 -3.16 5.77 15.11
C THR D 134 -1.91 5.24 15.82
N ARG D 135 -2.04 4.89 17.11
CA ARG D 135 -0.87 4.71 17.97
C ARG D 135 -0.31 3.28 17.92
N THR D 136 -1.16 2.26 17.71
CA THR D 136 -0.80 0.85 17.92
C THR D 136 0.37 0.44 17.04
N LYS D 137 0.32 0.72 15.72
CA LYS D 137 1.42 0.37 14.81
C LYS D 137 2.75 1.04 15.17
N ASN D 138 2.72 2.10 16.00
CA ASN D 138 3.90 2.84 16.43
C ASN D 138 4.29 2.48 17.86
N SER D 139 3.58 1.53 18.49
CA SER D 139 3.85 1.19 19.90
C SER D 139 4.18 -0.31 19.96
N LEU D 140 5.48 -0.66 20.09
CA LEU D 140 5.92 -2.03 20.27
C LEU D 140 5.16 -2.63 21.45
N ARG D 141 5.04 -1.88 22.54
CA ARG D 141 4.39 -2.32 23.76
CA ARG D 141 4.40 -2.38 23.75
C ARG D 141 2.93 -2.74 23.47
N GLN D 142 2.20 -1.91 22.70
CA GLN D 142 0.83 -2.27 22.41
C GLN D 142 0.77 -3.47 21.46
N LEU D 143 1.61 -3.53 20.40
CA LEU D 143 1.61 -4.64 19.45
C LEU D 143 1.85 -5.96 20.19
N GLN D 144 2.77 -5.91 21.15
CA GLN D 144 3.15 -7.05 21.99
C GLN D 144 1.95 -7.49 22.82
N LYS D 145 1.23 -6.54 23.46
CA LYS D 145 0.08 -6.84 24.28
C LYS D 145 -1.06 -7.38 23.40
N SER D 146 -1.07 -6.96 22.12
CA SER D 146 -2.11 -7.35 21.18
C SER D 146 -1.74 -8.64 20.41
N TRP D 147 -0.75 -9.45 20.91
CA TRP D 147 -0.46 -10.74 20.32
C TRP D 147 -1.76 -11.53 20.06
N TYR D 148 -2.70 -11.53 21.03
CA TYR D 148 -3.90 -12.37 20.95
C TYR D 148 -4.87 -11.82 19.89
N VAL D 149 -4.84 -10.50 19.60
CA VAL D 149 -5.62 -9.91 18.51
C VAL D 149 -5.22 -10.55 17.18
N PHE D 150 -3.93 -10.76 16.95
CA PHE D 150 -3.39 -11.41 15.75
C PHE D 150 -3.78 -12.89 15.74
N PHE D 151 -3.64 -13.55 16.90
CA PHE D 151 -4.04 -14.92 17.08
C PHE D 151 -5.49 -15.08 16.60
N PHE D 152 -6.39 -14.21 17.07
CA PHE D 152 -7.83 -14.32 16.81
C PHE D 152 -8.20 -14.16 15.34
N GLN D 153 -7.31 -13.61 14.49
CA GLN D 153 -7.59 -13.42 13.07
C GLN D 153 -7.75 -14.75 12.35
N VAL D 154 -7.04 -15.79 12.77
CA VAL D 154 -6.99 -17.07 12.06
C VAL D 154 -8.36 -17.74 12.26
N ALA D 155 -8.91 -18.36 11.21
CA ALA D 155 -10.19 -19.04 11.28
C ALA D 155 -10.07 -20.35 12.04
N ASN D 156 -11.11 -20.67 12.84
CA ASN D 156 -11.37 -21.97 13.45
C ASN D 156 -10.41 -22.33 14.58
N ILE D 157 -9.09 -22.11 14.35
CA ILE D 157 -8.11 -22.63 15.33
C ILE D 157 -8.29 -21.93 16.68
N PRO D 158 -8.51 -20.59 16.75
CA PRO D 158 -8.71 -19.93 18.04
C PRO D 158 -9.95 -20.39 18.80
N GLU D 159 -11.07 -20.55 18.08
CA GLU D 159 -12.27 -21.19 18.67
C GLU D 159 -11.90 -22.52 19.34
N LYS D 160 -11.21 -23.39 18.59
CA LYS D 160 -10.85 -24.69 19.12
C LYS D 160 -10.01 -24.55 20.39
N ILE D 161 -8.95 -23.74 20.33
CA ILE D 161 -8.00 -23.66 21.46
C ILE D 161 -8.69 -23.07 22.70
N LEU D 162 -9.48 -21.99 22.48
CA LEU D 162 -10.13 -21.31 23.59
C LEU D 162 -11.18 -22.19 24.29
N SER D 163 -11.95 -23.00 23.53
CA SER D 163 -13.09 -23.74 24.05
C SER D 163 -12.74 -25.14 24.61
N ARG D 164 -11.71 -25.81 24.07
CA ARG D 164 -11.38 -27.16 24.48
C ARG D 164 -11.12 -27.22 26.00
N ASN D 165 -11.35 -28.40 26.61
CA ASN D 165 -11.17 -28.64 28.03
C ASN D 165 -12.00 -27.66 28.87
N GLU D 166 -13.27 -27.44 28.45
CA GLU D 166 -14.17 -26.57 29.22
C GLU D 166 -13.61 -25.14 29.32
N PHE D 167 -13.06 -24.63 28.20
CA PHE D 167 -12.61 -23.24 28.08
C PHE D 167 -11.46 -22.96 29.05
N ALA D 168 -10.56 -23.94 29.26
CA ALA D 168 -9.51 -23.79 30.27
C ALA D 168 -8.58 -22.63 29.89
N PHE D 169 -8.29 -22.54 28.57
CA PHE D 169 -7.41 -21.51 28.07
C PHE D 169 -7.98 -20.11 28.35
N LEU D 170 -9.27 -19.94 28.05
CA LEU D 170 -9.99 -18.68 28.25
C LEU D 170 -10.07 -18.31 29.74
N LYS D 171 -10.42 -19.30 30.61
CA LYS D 171 -10.42 -19.07 32.06
C LYS D 171 -9.05 -18.56 32.51
N ASN D 172 -7.98 -19.20 32.02
CA ASN D 172 -6.61 -18.81 32.35
C ASN D 172 -6.32 -17.37 31.92
N MET D 173 -6.61 -17.02 30.64
CA MET D 173 -6.42 -15.67 30.10
C MET D 173 -7.10 -14.65 31.01
N LEU D 174 -8.34 -14.92 31.41
CA LEU D 174 -9.15 -14.06 32.27
C LEU D 174 -8.51 -13.92 33.67
N ILE D 175 -8.23 -15.06 34.34
CA ILE D 175 -7.72 -15.06 35.71
C ILE D 175 -6.32 -14.42 35.78
N GLN D 176 -5.46 -14.65 34.78
CA GLN D 176 -4.17 -13.97 34.63
C GLN D 176 -4.30 -12.45 34.63
N SER D 177 -5.45 -11.92 34.19
CA SER D 177 -5.65 -10.49 33.94
C SER D 177 -6.09 -9.75 35.18
N PHE D 178 -6.57 -10.48 36.21
CA PHE D 178 -7.01 -9.88 37.46
C PHE D 178 -5.78 -9.51 38.30
N VAL D 179 -5.82 -8.40 39.03
CA VAL D 179 -4.79 -8.03 40.02
C VAL D 179 -5.05 -8.71 41.36
N ARG D 180 -6.30 -9.15 41.63
CA ARG D 180 -6.64 -9.81 42.89
CA ARG D 180 -6.65 -9.80 42.89
C ARG D 180 -6.94 -11.28 42.62
N ARG D 181 -6.48 -12.14 43.54
CA ARG D 181 -6.70 -13.57 43.39
C ARG D 181 -8.08 -13.90 43.93
N ASP D 182 -8.60 -15.08 43.57
CA ASP D 182 -9.88 -15.58 44.07
C ASP D 182 -10.97 -14.56 43.77
N LEU D 183 -10.88 -13.86 42.61
CA LEU D 183 -11.82 -12.81 42.23
C LEU D 183 -13.14 -13.41 41.75
N LEU D 184 -13.05 -14.50 40.97
CA LEU D 184 -14.21 -15.27 40.54
C LEU D 184 -14.38 -16.52 41.41
N THR D 185 -15.62 -16.71 41.92
CA THR D 185 -16.03 -17.91 42.64
C THR D 185 -16.16 -19.05 41.63
N GLU D 186 -16.18 -20.30 42.14
CA GLU D 186 -16.43 -21.48 41.31
C GLU D 186 -17.77 -21.34 40.61
N GLU D 187 -18.72 -20.72 41.28
CA GLU D 187 -20.06 -20.44 40.79
C GLU D 187 -20.00 -19.48 39.59
N ASP D 188 -19.28 -18.37 39.77
CA ASP D 188 -19.00 -17.38 38.73
C ASP D 188 -18.53 -18.06 37.45
N LEU D 189 -17.50 -18.93 37.58
CA LEU D 189 -16.85 -19.56 36.44
C LEU D 189 -17.81 -20.48 35.70
N ARG D 190 -18.78 -21.04 36.45
CA ARG D 190 -19.77 -21.93 35.88
C ARG D 190 -20.75 -21.11 35.04
N ILE D 191 -21.13 -19.92 35.55
CA ILE D 191 -22.02 -18.98 34.86
C ILE D 191 -21.37 -18.41 33.59
N TYR D 192 -20.07 -18.07 33.67
CA TYR D 192 -19.32 -17.63 32.48
C TYR D 192 -19.24 -18.74 31.43
N VAL D 193 -19.00 -20.00 31.86
CA VAL D 193 -18.87 -21.11 30.90
C VAL D 193 -20.20 -21.33 30.17
N ASP D 194 -21.33 -21.16 30.89
CA ASP D 194 -22.65 -21.29 30.23
C ASP D 194 -22.81 -20.30 29.11
N ALA D 195 -22.46 -19.03 29.37
CA ALA D 195 -22.51 -17.93 28.40
C ALA D 195 -21.57 -18.20 27.22
N TRP D 196 -20.34 -18.67 27.52
CA TRP D 196 -19.32 -18.96 26.49
C TRP D 196 -19.79 -20.07 25.55
N SER D 197 -20.55 -21.02 26.13
CA SER D 197 -20.95 -22.27 25.49
C SER D 197 -22.11 -22.08 24.52
N LYS D 198 -22.83 -20.96 24.58
CA LYS D 198 -23.95 -20.73 23.70
C LYS D 198 -23.50 -20.89 22.27
N SER D 199 -24.32 -21.60 21.48
CA SER D 199 -23.94 -22.00 20.15
C SER D 199 -23.67 -20.75 19.31
N GLY D 200 -22.46 -20.67 18.73
CA GLY D 200 -22.04 -19.57 17.86
C GLY D 200 -21.43 -18.36 18.61
N ALA D 201 -21.41 -18.38 19.96
CA ALA D 201 -21.05 -17.20 20.74
C ALA D 201 -19.56 -16.88 20.55
N LEU D 202 -18.69 -17.91 20.62
CA LEU D 202 -17.26 -17.73 20.61
C LEU D 202 -16.82 -17.20 19.24
N THR D 203 -17.36 -17.76 18.15
CA THR D 203 -17.01 -17.28 16.82
C THR D 203 -17.42 -15.82 16.68
N SER D 204 -18.63 -15.50 17.16
CA SER D 204 -19.25 -14.18 17.02
C SER D 204 -18.38 -13.17 17.77
N ALA D 205 -17.99 -13.48 19.01
CA ALA D 205 -17.13 -12.64 19.85
C ALA D 205 -15.79 -12.36 19.14
N LEU D 206 -15.15 -13.40 18.57
CA LEU D 206 -13.88 -13.29 17.88
C LEU D 206 -14.04 -12.51 16.58
N ASN D 207 -15.23 -12.53 15.96
CA ASN D 207 -15.48 -11.75 14.75
C ASN D 207 -15.31 -10.24 14.99
N TYR D 208 -15.45 -9.77 16.24
CA TYR D 208 -15.21 -8.36 16.52
C TYR D 208 -13.77 -7.99 16.15
N TYR D 209 -12.80 -8.91 16.41
CA TYR D 209 -11.39 -8.69 16.17
C TYR D 209 -11.09 -8.82 14.67
N ARG D 210 -11.79 -9.75 14.00
CA ARG D 210 -11.60 -10.05 12.59
C ARG D 210 -12.14 -8.90 11.77
N ALA D 211 -13.28 -8.31 12.18
CA ALA D 211 -13.91 -7.20 11.47
C ALA D 211 -13.19 -5.87 11.73
N ASN D 212 -12.73 -5.63 12.97
CA ASN D 212 -12.38 -4.26 13.35
C ASN D 212 -10.91 -4.07 13.68
N LEU D 213 -10.13 -5.16 13.84
CA LEU D 213 -8.74 -5.04 14.31
C LEU D 213 -7.85 -6.03 13.53
N ASN D 214 -8.25 -6.38 12.29
CA ASN D 214 -7.43 -7.18 11.38
C ASN D 214 -6.15 -6.38 11.07
N PRO D 215 -5.10 -7.01 10.50
CA PRO D 215 -3.85 -6.29 10.25
C PRO D 215 -3.92 -5.15 9.24
N ASP D 216 -4.85 -5.23 8.26
CA ASP D 216 -5.10 -4.14 7.33
C ASP D 216 -5.49 -2.86 8.07
N ILE D 217 -6.37 -2.97 9.07
CA ILE D 217 -6.82 -1.82 9.84
C ILE D 217 -5.69 -1.31 10.74
N ILE D 218 -5.03 -2.21 11.45
CA ILE D 218 -3.97 -1.83 12.37
C ILE D 218 -2.81 -1.15 11.63
N PHE D 219 -2.43 -1.65 10.44
CA PHE D 219 -1.28 -1.11 9.70
C PHE D 219 -1.71 -0.22 8.53
N SER D 220 -2.99 0.20 8.49
CA SER D 220 -3.50 1.17 7.52
C SER D 220 -2.59 2.38 7.44
N GLU D 221 -2.31 2.82 6.21
CA GLU D 221 -1.63 4.07 5.99
C GLU D 221 -2.65 5.20 6.06
N LYS D 222 -3.92 4.92 5.73
CA LYS D 222 -4.99 5.91 5.75
C LYS D 222 -5.50 5.92 7.19
N THR D 223 -5.75 7.11 7.70
CA THR D 223 -6.46 7.35 8.96
C THR D 223 -7.97 7.18 8.72
N VAL D 224 -8.77 7.18 9.79
CA VAL D 224 -10.21 7.04 9.71
C VAL D 224 -10.87 8.39 10.04
N VAL D 225 -12.11 8.58 9.56
CA VAL D 225 -12.96 9.73 9.85
C VAL D 225 -13.68 9.47 11.18
N PHE D 226 -13.46 10.33 12.18
CA PHE D 226 -14.03 10.12 13.51
C PHE D 226 -14.28 11.45 14.20
N PRO D 227 -15.55 11.89 14.32
CA PRO D 227 -15.87 13.19 14.93
C PRO D 227 -15.36 13.28 16.36
N LYS D 228 -15.01 14.49 16.79
CA LYS D 228 -14.74 14.78 18.20
C LYS D 228 -15.97 14.48 19.07
N ILE D 229 -15.70 14.07 20.31
CA ILE D 229 -16.69 13.80 21.35
C ILE D 229 -17.16 15.15 21.89
N LYS D 230 -18.49 15.36 21.85
CA LYS D 230 -19.10 16.63 22.23
C LYS D 230 -20.06 16.42 23.41
N VAL D 231 -19.92 15.29 24.15
CA VAL D 231 -20.71 15.03 25.34
C VAL D 231 -19.78 14.85 26.54
N PRO D 232 -20.15 15.33 27.74
CA PRO D 232 -19.27 15.20 28.92
C PRO D 232 -18.91 13.71 29.13
N THR D 233 -17.62 13.44 29.40
CA THR D 233 -17.04 12.10 29.36
C THR D 233 -16.22 11.85 30.63
N LEU D 234 -16.44 10.66 31.24
CA LEU D 234 -15.57 10.14 32.30
C LEU D 234 -14.92 8.83 31.84
N VAL D 235 -13.59 8.76 31.96
CA VAL D 235 -12.79 7.57 31.74
C VAL D 235 -12.35 7.06 33.11
N ILE D 236 -12.73 5.81 33.43
CA ILE D 236 -12.16 5.03 34.53
C ILE D 236 -11.14 4.05 33.95
N TRP D 237 -9.94 3.97 34.56
CA TRP D 237 -8.80 3.26 33.97
C TRP D 237 -7.93 2.55 35.02
N GLY D 238 -8.06 1.21 35.12
CA GLY D 238 -7.14 0.35 35.84
C GLY D 238 -5.80 0.30 35.09
N GLU D 239 -4.72 0.76 35.72
CA GLU D 239 -3.44 0.95 35.04
C GLU D 239 -2.72 -0.37 34.72
N LYS D 240 -3.02 -1.47 35.44
CA LYS D 240 -2.31 -2.73 35.25
C LYS D 240 -3.02 -3.60 34.21
N ASP D 241 -3.29 -3.02 33.03
CA ASP D 241 -4.11 -3.66 32.03
C ASP D 241 -3.20 -4.44 31.10
N VAL D 242 -3.41 -5.77 31.02
CA VAL D 242 -2.56 -6.65 30.22
C VAL D 242 -2.85 -6.46 28.72
N ALA D 243 -4.01 -5.89 28.39
CA ALA D 243 -4.53 -5.82 27.03
C ALA D 243 -4.18 -4.47 26.41
N ILE D 244 -4.05 -3.41 27.24
CA ILE D 244 -3.94 -2.03 26.74
C ILE D 244 -2.83 -1.27 27.45
N SER D 245 -1.88 -0.72 26.66
CA SER D 245 -0.85 0.19 27.11
C SER D 245 -1.45 1.57 27.43
N LYS D 246 -0.89 2.23 28.46
CA LYS D 246 -1.31 3.58 28.86
C LYS D 246 -1.00 4.56 27.73
N ASP D 247 -0.05 4.21 26.83
CA ASP D 247 0.23 4.94 25.60
C ASP D 247 -1.08 5.27 24.86
N LEU D 248 -2.13 4.42 25.00
CA LEU D 248 -3.33 4.53 24.20
C LEU D 248 -4.42 5.39 24.86
N ILE D 249 -4.25 5.80 26.11
CA ILE D 249 -5.27 6.60 26.79
C ILE D 249 -4.78 8.00 27.15
N VAL D 250 -3.46 8.25 27.12
CA VAL D 250 -2.94 9.59 27.39
C VAL D 250 -3.33 10.51 26.22
N ASN D 251 -3.53 11.81 26.50
CA ASN D 251 -3.60 12.82 25.44
C ASN D 251 -4.86 12.64 24.62
N MET D 252 -5.98 12.55 25.36
CA MET D 252 -7.31 12.47 24.81
C MET D 252 -7.77 13.82 24.23
N GLU D 253 -7.04 14.92 24.50
CA GLU D 253 -7.44 16.29 24.13
C GLU D 253 -7.89 16.37 22.67
N ASP D 254 -7.07 15.77 21.80
CA ASP D 254 -7.32 15.88 20.36
CA ASP D 254 -7.24 15.76 20.36
C ASP D 254 -8.60 15.16 19.95
N PHE D 255 -9.22 14.37 20.85
CA PHE D 255 -10.42 13.58 20.51
C PHE D 255 -11.70 14.09 21.15
N ILE D 256 -11.59 14.92 22.21
CA ILE D 256 -12.72 15.33 23.05
C ILE D 256 -12.77 16.86 23.09
N GLU D 257 -13.89 17.45 22.65
CA GLU D 257 -14.16 18.87 22.82
C GLU D 257 -14.84 19.17 24.15
N ALA D 258 -15.83 18.35 24.55
CA ALA D 258 -16.62 18.52 25.75
C ALA D 258 -15.78 18.36 27.01
N PRO D 259 -16.31 18.73 28.20
CA PRO D 259 -15.65 18.43 29.47
C PRO D 259 -15.28 16.93 29.57
N TYR D 260 -14.10 16.67 30.14
CA TYR D 260 -13.49 15.36 30.14
C TYR D 260 -12.81 15.16 31.49
N SER D 261 -12.84 13.96 32.08
CA SER D 261 -11.96 13.68 33.22
C SER D 261 -11.64 12.18 33.28
N ILE D 262 -10.44 11.82 33.76
CA ILE D 262 -9.93 10.45 33.85
C ILE D 262 -9.63 10.17 35.32
N LYS D 263 -10.23 9.10 35.89
CA LYS D 263 -9.83 8.53 37.17
C LYS D 263 -8.97 7.30 36.91
N TYR D 264 -7.66 7.39 37.24
CA TYR D 264 -6.74 6.27 37.23
C TYR D 264 -6.87 5.42 38.50
N PHE D 265 -6.92 4.08 38.35
CA PHE D 265 -6.87 3.13 39.45
C PHE D 265 -5.56 2.37 39.37
N PRO D 266 -4.48 2.86 40.03
CA PRO D 266 -3.13 2.34 39.79
C PRO D 266 -2.93 0.88 40.20
N GLU D 267 -3.83 0.36 41.05
CA GLU D 267 -3.73 -0.97 41.65
C GLU D 267 -4.74 -1.94 41.06
N CYS D 268 -5.45 -1.50 40.02
CA CYS D 268 -6.42 -2.31 39.28
C CYS D 268 -5.93 -2.54 37.87
N GLY D 269 -6.45 -3.59 37.25
CA GLY D 269 -6.23 -3.95 35.86
C GLY D 269 -7.48 -3.73 35.01
N HIS D 270 -7.59 -4.58 33.96
CA HIS D 270 -8.57 -4.40 32.90
C HIS D 270 -9.99 -4.40 33.47
N TRP D 271 -10.24 -5.30 34.43
CA TRP D 271 -11.57 -5.51 35.01
C TRP D 271 -11.75 -4.66 36.28
N VAL D 272 -11.58 -3.34 36.09
CA VAL D 272 -11.64 -2.37 37.16
C VAL D 272 -12.97 -2.45 37.93
N GLN D 273 -14.08 -2.75 37.22
CA GLN D 273 -15.42 -2.79 37.82
C GLN D 273 -15.62 -4.02 38.72
N LEU D 274 -14.77 -5.03 38.55
CA LEU D 274 -14.75 -6.21 39.44
C LEU D 274 -13.81 -6.04 40.62
N GLU D 275 -12.74 -5.23 40.49
CA GLU D 275 -11.66 -5.18 41.47
C GLU D 275 -11.95 -4.14 42.56
N GLU D 276 -12.51 -3.00 42.14
CA GLU D 276 -12.97 -1.93 43.03
C GLU D 276 -14.42 -1.62 42.67
N PRO D 277 -15.34 -2.59 42.83
CA PRO D 277 -16.73 -2.42 42.40
C PRO D 277 -17.45 -1.21 43.00
N GLU D 278 -17.13 -0.88 44.26
CA GLU D 278 -17.85 0.16 44.97
C GLU D 278 -17.33 1.53 44.54
N LEU D 279 -16.01 1.67 44.42
CA LEU D 279 -15.41 2.93 43.99
C LEU D 279 -15.83 3.31 42.56
N VAL D 280 -15.92 2.32 41.68
CA VAL D 280 -16.35 2.50 40.30
C VAL D 280 -17.80 2.96 40.30
N ARG D 281 -18.65 2.26 41.08
CA ARG D 281 -20.05 2.62 41.17
C ARG D 281 -20.20 4.07 41.64
N LYS D 282 -19.41 4.46 42.65
CA LYS D 282 -19.40 5.80 43.20
C LYS D 282 -19.03 6.84 42.14
N HIS D 283 -17.88 6.66 41.47
CA HIS D 283 -17.38 7.59 40.46
C HIS D 283 -18.41 7.77 39.34
N ILE D 284 -19.13 6.71 39.00
CA ILE D 284 -20.17 6.74 37.97
C ILE D 284 -21.36 7.57 38.44
N GLU D 285 -21.89 7.27 39.64
CA GLU D 285 -23.03 7.99 40.24
C GLU D 285 -22.73 9.48 40.37
N GLU D 286 -21.62 9.85 41.01
CA GLU D 286 -21.21 11.23 41.22
C GLU D 286 -21.18 12.00 39.89
N PHE D 287 -20.59 11.37 38.85
CA PHE D 287 -20.49 11.95 37.53
C PHE D 287 -21.88 12.29 36.96
N ILE D 288 -22.80 11.33 37.01
CA ILE D 288 -24.14 11.45 36.44
C ILE D 288 -24.96 12.49 37.21
N LEU D 289 -24.97 12.36 38.55
CA LEU D 289 -25.82 13.15 39.44
C LEU D 289 -25.26 14.56 39.72
N LYS D 290 -24.08 14.95 39.21
CA LYS D 290 -23.68 16.35 39.26
C LYS D 290 -24.81 17.23 38.69
N SER D 291 -25.28 18.20 39.50
CA SER D 291 -26.62 18.82 39.42
C SER D 291 -26.54 20.33 39.10
N ASP D 292 -26.89 20.70 37.85
CA ASP D 292 -26.77 22.06 37.32
C ASP D 292 -28.16 22.62 36.99
C1 7EX E . 10.03 4.02 -22.74
C2 7EX E . 8.73 3.20 -22.51
C3 7EX E . 7.63 4.19 -22.83
C4 7EX E . 7.74 4.54 -24.33
C5 7EX E . 8.97 4.03 -25.04
C6 7EX E . 10.16 4.48 -24.22
O 7EX E . 10.93 3.40 -23.69
C1 7EX F . 10.66 13.40 -24.58
C2 7EX F . 11.10 13.77 -23.15
C3 7EX F . 10.12 13.32 -22.09
C4 7EX F . 10.29 11.83 -22.19
C5 7EX F . 9.35 11.49 -23.32
C6 7EX F . 9.70 12.20 -24.64
O 7EX F . 11.10 12.08 -24.94
C1 PEG G . 7.42 21.97 -17.82
O1 PEG G . 8.44 22.90 -18.15
C2 PEG G . 6.70 21.44 -19.01
O2 PEG G . 7.25 20.18 -19.35
C3 PEG G . 6.41 19.42 -20.19
C4 PEG G . 7.18 18.96 -21.36
O4 PEG G . 7.12 19.92 -22.43
C1 EDO H . 9.69 9.36 -7.77
O1 EDO H . 10.57 8.30 -7.44
C2 EDO H . 10.09 9.81 -9.12
O2 EDO H . 9.53 9.01 -10.12
C1 EDO I . 15.42 15.33 -14.61
O1 EDO I . 15.86 16.53 -13.96
C2 EDO I . 14.50 14.46 -13.78
O2 EDO I . 15.09 13.19 -13.54
C1 PEG J . 3.17 -4.39 -27.34
O1 PEG J . 3.36 -5.71 -26.86
C2 PEG J . 3.43 -3.39 -26.27
O2 PEG J . 4.48 -2.50 -26.60
C3 PEG J . 5.67 -2.71 -25.85
C4 PEG J . 5.50 -2.30 -24.41
O4 PEG J . 6.68 -1.78 -23.83
C1 EDO K . 10.44 5.77 -9.48
O1 EDO K . 11.40 5.84 -10.53
C2 EDO K . 9.10 6.17 -9.89
O2 EDO K . 8.12 5.44 -9.22
C1 PEG L . -3.66 0.79 -8.26
O1 PEG L . -3.20 -0.55 -8.40
C2 PEG L . -2.88 1.76 -9.13
O2 PEG L . -3.56 1.95 -10.37
C3 PEG L . -4.13 3.25 -10.52
C4 PEG L . -5.05 3.24 -11.72
O4 PEG L . -6.21 4.10 -11.53
C1 7EX M . -10.65 18.49 -11.42
C2 7EX M . -9.25 19.07 -11.80
C3 7EX M . -9.12 19.51 -13.25
C4 7EX M . -9.70 18.36 -14.07
C5 7EX M . -11.23 18.30 -13.98
C6 7EX M . -11.67 18.10 -12.54
O 7EX M . -11.71 19.34 -11.86
C1 7EX N . -10.25 9.48 -10.66
C2 7EX N . -9.03 9.42 -9.75
C3 7EX N . -7.96 10.39 -10.18
C4 7EX N . -8.51 11.77 -9.84
C5 7EX N . -9.90 12.09 -10.43
C6 7EX N . -10.73 10.90 -11.01
O 7EX N . -11.36 10.06 -9.98
C1 EDO O . -9.98 24.58 -16.80
O1 EDO O . -10.20 24.29 -15.44
C2 EDO O . -11.23 24.55 -17.58
O2 EDO O . -11.07 24.84 -18.97
C1 EDO P . 1.50 18.54 -4.92
O1 EDO P . 0.56 19.59 -4.74
C2 EDO P . 2.77 19.04 -5.54
O2 EDO P . 2.65 19.12 -6.96
C1 7EX Q . 13.50 -16.50 15.83
C2 7EX Q . 12.83 -16.59 17.23
C3 7EX Q . 11.67 -17.58 17.37
C4 7EX Q . 10.75 -17.36 16.17
C5 7EX Q . 11.45 -17.85 14.87
C6 7EX Q . 12.75 -17.10 14.61
O 7EX Q . 13.79 -17.79 15.28
C1 7EX R . 12.26 -8.18 12.56
C2 7EX R . 12.80 -8.05 14.02
C3 7EX R . 12.03 -8.76 15.15
C4 7EX R . 11.87 -10.23 14.74
C5 7EX R . 10.95 -10.26 13.51
C6 7EX R . 11.27 -9.33 12.30
O 7EX R . 12.66 -9.39 11.89
C1 EDO S . 19.74 -40.23 11.46
O1 EDO S . 21.08 -40.58 11.81
C2 EDO S . 18.87 -41.26 10.90
O2 EDO S . 19.24 -41.51 9.59
C1 EDO T . 6.86 -8.93 -2.90
O1 EDO T . 7.84 -9.04 -1.89
C2 EDO T . 5.51 -8.84 -2.25
O2 EDO T . 4.92 -10.00 -1.69
C1 EDO U . 7.19 -2.53 15.07
O1 EDO U . 7.16 -3.06 13.74
C2 EDO U . 6.50 -1.24 15.12
O2 EDO U . 7.15 -0.26 15.94
C1 PEG V . -42.07 -5.85 46.50
O1 PEG V . -42.72 -4.58 46.25
C2 PEG V . -41.25 -5.84 47.77
O2 PEG V . -41.61 -4.76 48.63
C3 PEG V . -42.67 -5.11 49.51
C4 PEG V . -42.15 -5.32 50.90
O4 PEG V . -42.98 -6.19 51.64
C1 PEG W . 0.09 -18.75 30.68
O1 PEG W . 0.09 -18.50 32.07
C2 PEG W . 0.47 -17.54 29.90
O2 PEG W . -0.72 -16.93 29.40
C3 PEG W . -1.29 -17.63 28.30
C4 PEG W . -2.56 -16.96 27.93
O4 PEG W . -3.63 -17.79 28.26
C1 7EX X . -9.56 -3.96 24.45
C2 7EX X . -8.66 -3.33 23.32
C3 7EX X . -8.47 -4.17 22.04
C4 7EX X . -9.51 -5.28 21.96
C5 7EX X . -10.86 -4.77 22.46
C6 7EX X . -10.82 -4.70 23.98
O 7EX X . -10.88 -3.38 24.56
C1 7EX Y . -8.52 -12.38 27.76
C2 7EX Y . -7.72 -11.57 28.81
C3 7EX Y . -6.32 -11.10 28.33
C4 7EX Y . -6.32 -10.59 26.90
C5 7EX Y . -7.77 -10.34 26.46
C6 7EX Y . -8.55 -11.65 26.40
O 7EX Y . -9.67 -11.66 27.30
C1 EDO Z . -10.91 -0.29 17.50
O1 EDO Z . -10.07 0.39 18.42
C2 EDO Z . -10.48 0.02 16.11
O2 EDO Z . -11.52 0.06 15.15
C1 EDO AA . -10.10 7.25 41.63
O1 EDO AA . -10.95 6.83 42.67
C2 EDO AA . -8.68 7.22 42.00
O2 EDO AA . -8.18 8.55 41.97
C1 EDO BA . -25.43 15.10 24.22
O1 EDO BA . -25.26 15.23 25.65
C2 EDO BA . -26.83 14.96 23.75
O2 EDO BA . -27.68 13.97 24.38
#